data_4XXV
#
_entry.id   4XXV
#
_cell.length_a   144.350
_cell.length_b   60.900
_cell.length_c   105.050
_cell.angle_alpha   90.000
_cell.angle_beta   117.850
_cell.angle_gamma   90.000
#
_symmetry.space_group_name_H-M   'C 1 2 1'
#
loop_
_entity.id
_entity.type
_entity.pdbx_description
1 polymer '3-isopropylmalate dehydrogenase'
2 non-polymer NICOTINAMIDE-ADENINE-DINUCLEOTIDE
3 non-polymer GLYCEROL
4 water water
#
_entity_poly.entity_id   1
_entity_poly.type   'polypeptide(L)'
_entity_poly.pdbx_seq_one_letter_code
;MAHHHHHHMKIAVLPGDGIGPEIVNEAVKVLNALDEKFELEHAPVGGAGYEASGHPLPDATLALAKEADAILFGAVGDWK
YDSLERALRPEQAILGLRKHLELFANFRPAICYPQLVDASPLKPELVAGLDILIVRELNGDIYFGQPRGVRAAPDGPFAG
EREGFDTMRYSEPEVRRIAHVAFQAAQKRAKKLLSVDKSNVLETSQFWRDVMIDVSKEYADVELSHMYVDNAAMQLAKAP
KQFDVIVTGNMFGDILSDEASMLTGSIGMLPSASLDKNNKGLYEPSHGSAPDIAGKGIANPLATILSAAMLLRYSLNRAE
QADRIERAVKTVLEQGYRTGDIATPGCRQVGTAAMGDAVVAAL
;
_entity_poly.pdbx_strand_id   A,B
#
loop_
_chem_comp.id
_chem_comp.type
_chem_comp.name
_chem_comp.formula
GOL non-polymer GLYCEROL 'C3 H8 O3'
NAD non-polymer NICOTINAMIDE-ADENINE-DINUCLEOTIDE 'C21 H27 N7 O14 P2'
#
# COMPACT_ATOMS: atom_id res chain seq x y z
N HIS A 8 -3.34 -12.46 -37.88
CA HIS A 8 -2.15 -11.59 -37.92
C HIS A 8 -1.57 -11.30 -36.53
N MET A 9 -0.25 -11.15 -36.49
CA MET A 9 0.40 -10.81 -35.24
C MET A 9 1.44 -9.74 -35.51
N LYS A 10 0.98 -8.49 -35.58
CA LYS A 10 1.87 -7.39 -35.88
C LYS A 10 2.27 -6.70 -34.59
N ILE A 11 3.57 -6.53 -34.40
CA ILE A 11 4.07 -5.90 -33.19
C ILE A 11 4.80 -4.63 -33.56
N ALA A 12 4.35 -3.51 -32.99
CA ALA A 12 5.08 -2.24 -33.09
C ALA A 12 6.21 -2.27 -32.08
N VAL A 13 7.44 -2.09 -32.56
CA VAL A 13 8.63 -2.08 -31.70
C VAL A 13 9.11 -0.66 -31.56
N LEU A 14 9.09 -0.15 -30.33
CA LEU A 14 9.39 1.25 -30.05
C LEU A 14 10.54 1.29 -29.08
N PRO A 15 11.78 1.22 -29.58
CA PRO A 15 12.90 0.95 -28.66
C PRO A 15 13.22 2.11 -27.74
N GLY A 16 13.08 3.36 -28.22
CA GLY A 16 13.37 4.53 -27.38
C GLY A 16 14.83 4.95 -27.40
N ASP A 17 15.34 5.29 -26.22
CA ASP A 17 16.64 5.96 -26.09
C ASP A 17 17.57 5.18 -25.18
N GLY A 18 18.90 5.38 -25.34
CA GLY A 18 19.82 4.88 -24.30
C GLY A 18 19.83 3.36 -24.16
N ILE A 19 19.46 2.86 -23.00
CA ILE A 19 19.41 1.39 -22.84
C ILE A 19 18.24 0.79 -23.61
N GLY A 20 17.25 1.60 -24.00
CA GLY A 20 16.08 1.10 -24.71
C GLY A 20 16.38 0.20 -25.92
N PRO A 21 17.10 0.71 -26.90
CA PRO A 21 17.48 -0.15 -28.03
C PRO A 21 18.27 -1.38 -27.62
N GLU A 22 19.20 -1.22 -26.68
CA GLU A 22 20.02 -2.34 -26.23
C GLU A 22 19.18 -3.49 -25.72
N ILE A 23 18.18 -3.17 -24.91
CA ILE A 23 17.40 -4.25 -24.28
C ILE A 23 16.29 -4.73 -25.22
N VAL A 24 15.70 -3.84 -26.01
CA VAL A 24 14.69 -4.28 -26.96
C VAL A 24 15.34 -5.16 -28.04
N ASN A 25 16.59 -4.90 -28.42
CA ASN A 25 17.23 -5.78 -29.39
C ASN A 25 17.26 -7.23 -28.91
N GLU A 26 17.42 -7.42 -27.61
CA GLU A 26 17.47 -8.79 -27.09
C GLU A 26 16.07 -9.43 -27.04
N ALA A 27 15.07 -8.66 -26.68
CA ALA A 27 13.69 -9.20 -26.71
C ALA A 27 13.31 -9.57 -28.14
N VAL A 28 13.71 -8.76 -29.13
CA VAL A 28 13.45 -9.06 -30.54
C VAL A 28 14.21 -10.33 -30.95
N LYS A 29 15.46 -10.44 -30.49
CA LYS A 29 16.24 -11.65 -30.75
C LYS A 29 15.50 -12.89 -30.24
N VAL A 30 14.94 -12.79 -29.03
CA VAL A 30 14.19 -13.90 -28.45
C VAL A 30 12.92 -14.19 -29.26
N LEU A 31 12.18 -13.14 -29.61
CA LEU A 31 10.97 -13.35 -30.40
C LEU A 31 11.32 -14.02 -31.75
N ASN A 32 12.40 -13.58 -32.38
CA ASN A 32 12.76 -14.10 -33.70
C ASN A 32 13.24 -15.55 -33.63
N ALA A 33 13.61 -16.01 -32.44
CA ALA A 33 14.10 -17.37 -32.24
C ALA A 33 12.94 -18.35 -32.03
N LEU A 34 11.73 -17.83 -31.84
CA LEU A 34 10.55 -18.68 -31.75
C LEU A 34 10.15 -19.19 -33.15
N ASP A 35 9.28 -20.18 -33.21
CA ASP A 35 8.89 -20.71 -34.52
C ASP A 35 7.89 -19.80 -35.25
N GLU A 36 7.44 -18.76 -34.57
CA GLU A 36 6.30 -17.96 -35.00
C GLU A 36 6.58 -17.02 -36.16
N LYS A 37 5.51 -16.57 -36.80
CA LYS A 37 5.60 -15.58 -37.87
C LYS A 37 5.06 -14.23 -37.40
N PHE A 38 5.91 -13.44 -36.76
CA PHE A 38 5.53 -12.11 -36.33
C PHE A 38 5.84 -11.07 -37.40
N GLU A 39 5.01 -10.04 -37.47
CA GLU A 39 5.35 -8.89 -38.27
C GLU A 39 5.86 -7.81 -37.31
N LEU A 40 7.17 -7.65 -37.23
CA LEU A 40 7.75 -6.63 -36.37
C LEU A 40 7.99 -5.38 -37.18
N GLU A 41 7.58 -4.23 -36.68
CA GLU A 41 7.85 -2.99 -37.39
C GLU A 41 8.33 -1.95 -36.37
N HIS A 42 9.49 -1.34 -36.62
CA HIS A 42 10.06 -0.37 -35.68
C HIS A 42 9.61 1.05 -35.98
N ALA A 43 9.57 1.89 -34.94
CA ALA A 43 9.29 3.31 -35.10
C ALA A 43 9.99 4.07 -34.00
N PRO A 44 10.42 5.31 -34.28
CA PRO A 44 11.14 6.08 -33.25
C PRO A 44 10.21 6.65 -32.17
N VAL A 45 10.71 6.71 -30.95
CA VAL A 45 9.92 7.26 -29.87
C VAL A 45 10.87 7.86 -28.86
N GLY A 46 10.36 8.84 -28.12
CA GLY A 46 11.13 9.52 -27.08
C GLY A 46 12.11 10.49 -27.72
N GLY A 47 13.34 10.52 -27.21
CA GLY A 47 14.36 11.36 -27.84
C GLY A 47 14.61 11.02 -29.29
N ALA A 48 14.56 9.73 -29.61
CA ALA A 48 14.70 9.29 -30.99
C ALA A 48 13.56 9.84 -31.85
N GLY A 49 12.37 9.96 -31.26
CA GLY A 49 11.24 10.58 -31.94
C GLY A 49 11.52 12.05 -32.23
N TYR A 50 12.04 12.75 -31.23
CA TYR A 50 12.38 14.15 -31.39
C TYR A 50 13.45 14.34 -32.48
N GLU A 51 14.49 13.50 -32.46
CA GLU A 51 15.52 13.63 -33.47
C GLU A 51 14.99 13.35 -34.88
N ALA A 52 14.01 12.47 -35.00
CA ALA A 52 13.49 12.10 -36.32
C ALA A 52 12.52 13.15 -36.86
N SER A 53 11.62 13.65 -36.01
CA SER A 53 10.58 14.54 -36.54
C SER A 53 10.01 15.54 -35.52
N GLY A 54 10.73 15.74 -34.43
CA GLY A 54 10.51 16.88 -33.55
C GLY A 54 9.52 16.69 -32.41
N HIS A 55 8.99 15.47 -32.25
CA HIS A 55 8.08 15.17 -31.14
C HIS A 55 8.40 13.83 -30.52
N PRO A 56 8.25 13.71 -29.20
CA PRO A 56 8.59 12.42 -28.59
C PRO A 56 7.62 11.29 -28.99
N LEU A 57 6.44 11.66 -29.45
CA LEU A 57 5.53 10.65 -30.04
C LEU A 57 5.08 11.16 -31.41
N PRO A 58 5.89 10.88 -32.44
CA PRO A 58 5.56 11.28 -33.81
C PRO A 58 4.21 10.69 -34.25
N ASP A 59 3.49 11.43 -35.06
CA ASP A 59 2.24 10.94 -35.64
C ASP A 59 2.36 9.54 -36.25
N ALA A 60 3.39 9.31 -37.06
CA ALA A 60 3.56 8.02 -37.71
C ALA A 60 3.81 6.90 -36.69
N THR A 61 4.45 7.25 -35.57
CA THR A 61 4.72 6.25 -34.52
C THR A 61 3.42 5.88 -33.79
N LEU A 62 2.61 6.88 -33.50
CA LEU A 62 1.32 6.62 -32.88
C LEU A 62 0.41 5.84 -33.84
N ALA A 63 0.41 6.21 -35.12
CA ALA A 63 -0.39 5.49 -36.09
C ALA A 63 0.00 4.00 -36.16
N LEU A 64 1.29 3.72 -36.12
CA LEU A 64 1.76 2.34 -36.10
C LEU A 64 1.29 1.64 -34.83
N ALA A 65 1.43 2.32 -33.70
CA ALA A 65 1.01 1.72 -32.42
C ALA A 65 -0.48 1.39 -32.42
N LYS A 66 -1.29 2.28 -33.00
CA LYS A 66 -2.73 2.05 -33.10
C LYS A 66 -3.05 0.86 -33.99
N GLU A 67 -2.32 0.75 -35.11
CA GLU A 67 -2.58 -0.30 -36.09
C GLU A 67 -2.19 -1.70 -35.61
N ALA A 68 -1.13 -1.77 -34.81
CA ALA A 68 -0.53 -3.04 -34.41
C ALA A 68 -1.40 -3.80 -33.39
N ASP A 69 -1.15 -5.11 -33.28
CA ASP A 69 -1.83 -5.96 -32.30
C ASP A 69 -1.26 -5.85 -30.88
N ALA A 70 -0.01 -5.39 -30.79
CA ALA A 70 0.67 -5.17 -29.52
C ALA A 70 1.84 -4.23 -29.73
N ILE A 71 2.32 -3.65 -28.64
CA ILE A 71 3.50 -2.78 -28.72
C ILE A 71 4.56 -3.31 -27.78
N LEU A 72 5.79 -3.44 -28.29
CA LEU A 72 6.96 -3.73 -27.44
C LEU A 72 7.77 -2.44 -27.29
N PHE A 73 7.87 -1.93 -26.06
CA PHE A 73 8.42 -0.59 -25.82
C PHE A 73 9.65 -0.74 -24.95
N GLY A 74 10.73 0.00 -25.24
CA GLY A 74 11.90 -0.10 -24.39
C GLY A 74 11.93 0.87 -23.24
N ALA A 75 12.70 1.93 -23.41
CA ALA A 75 12.79 2.95 -22.36
C ALA A 75 13.11 4.25 -23.06
N VAL A 76 12.51 5.34 -22.58
CA VAL A 76 12.81 6.67 -23.16
C VAL A 76 13.45 7.58 -22.14
N GLY A 77 14.27 8.50 -22.63
CA GLY A 77 14.90 9.49 -21.78
C GLY A 77 16.39 9.35 -21.71
N ASP A 78 17.05 10.50 -21.56
CA ASP A 78 18.48 10.58 -21.36
C ASP A 78 18.81 12.01 -20.93
N TRP A 79 19.93 12.16 -20.24
CA TRP A 79 20.41 13.49 -19.86
C TRP A 79 20.43 14.49 -21.01
N LYS A 80 20.73 14.03 -22.23
CA LYS A 80 20.90 14.96 -23.34
C LYS A 80 19.56 15.52 -23.86
N TYR A 81 18.45 14.93 -23.44
CA TYR A 81 17.12 15.41 -23.82
C TYR A 81 16.45 16.20 -22.70
N ASP A 82 17.08 16.28 -21.53
CA ASP A 82 16.38 16.83 -20.37
C ASP A 82 16.19 18.35 -20.48
N SER A 83 16.90 18.98 -21.40
CA SER A 83 16.83 20.43 -21.56
C SER A 83 15.74 20.85 -22.57
N LEU A 84 15.11 19.89 -23.23
CA LEU A 84 14.02 20.22 -24.16
C LEU A 84 12.85 20.83 -23.39
N GLU A 85 12.03 21.64 -24.06
CA GLU A 85 10.81 22.15 -23.42
C GLU A 85 9.96 20.96 -22.96
N ARG A 86 9.22 21.16 -21.88
CA ARG A 86 8.51 20.06 -21.19
C ARG A 86 7.68 19.19 -22.14
N ALA A 87 6.95 19.83 -23.04
CA ALA A 87 6.04 19.11 -23.92
C ALA A 87 6.76 18.18 -24.87
N LEU A 88 8.04 18.47 -25.14
CA LEU A 88 8.84 17.67 -26.07
C LEU A 88 9.75 16.63 -25.39
N ARG A 89 9.72 16.52 -24.06
CA ARG A 89 10.65 15.61 -23.38
C ARG A 89 10.28 14.15 -23.67
N PRO A 90 11.28 13.27 -23.70
CA PRO A 90 11.01 11.90 -24.12
C PRO A 90 9.91 11.22 -23.32
N GLU A 91 9.86 11.52 -22.04
CA GLU A 91 8.94 10.81 -21.15
C GLU A 91 7.49 11.15 -21.44
N GLN A 92 7.23 12.21 -22.22
CA GLN A 92 5.86 12.53 -22.62
C GLN A 92 5.25 11.43 -23.49
N ALA A 93 6.08 10.66 -24.19
CA ALA A 93 5.57 9.61 -25.07
C ALA A 93 4.78 8.54 -24.32
N ILE A 94 5.22 8.24 -23.10
CA ILE A 94 4.58 7.24 -22.25
C ILE A 94 3.12 7.63 -22.02
N LEU A 95 2.93 8.87 -21.61
CA LEU A 95 1.60 9.42 -21.33
C LEU A 95 0.77 9.47 -22.59
N GLY A 96 1.40 9.88 -23.69
CA GLY A 96 0.73 9.98 -24.97
C GLY A 96 0.16 8.64 -25.45
N LEU A 97 0.98 7.60 -25.33
CA LEU A 97 0.53 6.28 -25.76
C LEU A 97 -0.62 5.76 -24.87
N ARG A 98 -0.49 5.92 -23.55
CA ARG A 98 -1.57 5.50 -22.64
C ARG A 98 -2.87 6.23 -22.94
N LYS A 99 -2.80 7.55 -23.14
CA LYS A 99 -4.00 8.32 -23.44
C LYS A 99 -4.63 7.97 -24.80
N HIS A 100 -3.84 8.01 -25.87
CA HIS A 100 -4.40 7.84 -27.20
C HIS A 100 -4.80 6.40 -27.53
N LEU A 101 -4.18 5.43 -26.85
CA LEU A 101 -4.54 4.03 -27.05
C LEU A 101 -5.53 3.53 -25.99
N GLU A 102 -5.92 4.41 -25.07
CA GLU A 102 -6.84 4.07 -24.00
C GLU A 102 -6.39 2.84 -23.20
N LEU A 103 -5.13 2.87 -22.79
CA LEU A 103 -4.55 1.80 -22.00
C LEU A 103 -4.79 2.06 -20.51
N PHE A 104 -5.83 1.46 -19.96
CA PHE A 104 -6.27 1.79 -18.61
C PHE A 104 -5.84 0.76 -17.56
N ALA A 105 -5.29 -0.37 -17.98
CA ALA A 105 -4.95 -1.46 -17.05
C ALA A 105 -3.43 -1.68 -16.98
N ASN A 106 -2.84 -1.34 -15.84
CA ASN A 106 -1.40 -1.50 -15.67
C ASN A 106 -1.13 -2.86 -15.01
N PHE A 107 -0.54 -3.78 -15.76
CA PHE A 107 -0.09 -5.08 -15.23
C PHE A 107 1.30 -4.97 -14.63
N ARG A 108 1.40 -5.23 -13.32
CA ARG A 108 2.68 -5.17 -12.61
C ARG A 108 2.96 -6.48 -11.88
N PRO A 109 3.60 -7.43 -12.57
CA PRO A 109 4.01 -8.68 -11.92
C PRO A 109 4.98 -8.40 -10.78
N ALA A 110 4.86 -9.18 -9.71
CA ALA A 110 5.88 -9.21 -8.69
C ALA A 110 6.44 -10.62 -8.71
N ILE A 111 7.69 -10.76 -9.14
CA ILE A 111 8.30 -12.06 -9.30
C ILE A 111 9.63 -12.04 -8.57
N CYS A 112 9.98 -13.15 -7.97
CA CYS A 112 11.25 -13.24 -7.26
C CYS A 112 11.89 -14.58 -7.57
N TYR A 113 13.01 -14.52 -8.28
CA TYR A 113 13.74 -15.71 -8.67
C TYR A 113 14.56 -16.23 -7.51
N PRO A 114 14.54 -17.55 -7.30
CA PRO A 114 15.27 -18.15 -6.17
C PRO A 114 16.73 -17.74 -6.15
N GLN A 115 17.35 -17.62 -7.33
CA GLN A 115 18.76 -17.31 -7.42
C GLN A 115 19.05 -15.91 -6.92
N LEU A 116 18.02 -15.07 -6.91
CA LEU A 116 18.17 -13.65 -6.59
C LEU A 116 17.45 -13.32 -5.27
N VAL A 117 17.17 -14.35 -4.47
CA VAL A 117 16.30 -14.15 -3.31
C VAL A 117 16.98 -13.31 -2.24
N ASP A 118 18.31 -13.30 -2.20
CA ASP A 118 18.94 -12.54 -1.12
C ASP A 118 18.79 -11.04 -1.30
N ALA A 119 18.35 -10.59 -2.46
CA ALA A 119 18.12 -9.15 -2.67
C ALA A 119 16.88 -8.68 -1.96
N SER A 120 16.00 -9.62 -1.60
CA SER A 120 14.76 -9.29 -0.89
C SER A 120 15.01 -8.98 0.59
N PRO A 121 14.25 -8.04 1.17
CA PRO A 121 14.37 -7.79 2.61
C PRO A 121 13.62 -8.85 3.43
N LEU A 122 12.82 -9.68 2.75
CA LEU A 122 12.07 -10.73 3.43
C LEU A 122 12.91 -11.97 3.61
N LYS A 123 12.54 -12.76 4.62
CA LYS A 123 13.13 -14.07 4.78
C LYS A 123 12.80 -14.90 3.53
N PRO A 124 13.80 -15.65 3.05
CA PRO A 124 13.72 -16.17 1.67
C PRO A 124 12.54 -17.14 1.44
N GLU A 125 12.14 -17.88 2.46
CA GLU A 125 11.03 -18.83 2.28
C GLU A 125 9.72 -18.10 1.98
N LEU A 126 9.61 -16.83 2.36
CA LEU A 126 8.38 -16.08 2.11
C LEU A 126 8.28 -15.58 0.67
N VAL A 127 9.41 -15.53 -0.03
CA VAL A 127 9.43 -14.82 -1.28
C VAL A 127 10.08 -15.59 -2.45
N ALA A 128 10.94 -16.59 -2.20
CA ALA A 128 11.55 -17.33 -3.30
C ALA A 128 10.46 -17.94 -4.21
N GLY A 129 10.55 -17.64 -5.50
CA GLY A 129 9.60 -18.16 -6.47
C GLY A 129 8.29 -17.41 -6.52
N LEU A 130 8.21 -16.26 -5.84
CA LEU A 130 6.99 -15.44 -5.87
C LEU A 130 6.60 -15.15 -7.31
N ASP A 131 5.31 -15.26 -7.61
CA ASP A 131 4.82 -14.96 -8.96
C ASP A 131 3.40 -14.47 -8.83
N ILE A 132 3.23 -13.20 -8.48
CA ILE A 132 1.89 -12.65 -8.35
C ILE A 132 1.73 -11.50 -9.33
N LEU A 133 0.48 -11.08 -9.55
CA LEU A 133 0.21 -10.01 -10.52
C LEU A 133 -0.67 -8.93 -9.89
N ILE A 134 -0.21 -7.69 -9.92
CA ILE A 134 -1.09 -6.58 -9.51
C ILE A 134 -1.56 -5.87 -10.75
N VAL A 135 -2.88 -5.71 -10.84
CA VAL A 135 -3.51 -4.99 -11.92
C VAL A 135 -3.99 -3.68 -11.35
N ARG A 136 -3.37 -2.59 -11.79
CA ARG A 136 -3.61 -1.26 -11.26
C ARG A 136 -4.37 -0.44 -12.30
N GLU A 137 -5.51 0.11 -11.92
CA GLU A 137 -6.26 0.97 -12.83
C GLU A 137 -5.40 2.21 -13.08
N LEU A 138 -5.23 2.64 -14.32
CA LEU A 138 -4.15 3.56 -14.64
C LEU A 138 -4.64 4.95 -15.07
N ASN A 139 -5.89 5.04 -15.50
CA ASN A 139 -6.37 6.20 -16.24
C ASN A 139 -7.17 7.19 -15.38
N GLY A 140 -7.63 6.77 -14.20
CA GLY A 140 -8.53 7.58 -13.41
C GLY A 140 -8.13 7.72 -11.95
N ASP A 141 -9.13 7.73 -11.05
CA ASP A 141 -8.92 7.85 -9.59
C ASP A 141 -8.59 9.29 -9.24
N ILE A 142 -8.28 9.49 -7.97
CA ILE A 142 -7.87 10.78 -7.43
C ILE A 142 -6.65 11.38 -8.12
N TYR A 143 -5.83 10.56 -8.77
CA TYR A 143 -4.67 11.08 -9.50
C TYR A 143 -5.07 12.00 -10.66
N PHE A 144 -6.29 11.84 -11.19
CA PHE A 144 -6.74 12.72 -12.27
C PHE A 144 -8.06 13.43 -11.99
N GLY A 145 -8.69 13.12 -10.87
CA GLY A 145 -10.05 13.59 -10.62
C GLY A 145 -10.18 15.10 -10.45
N GLN A 146 -11.21 15.67 -11.05
CA GLN A 146 -11.53 17.09 -10.89
C GLN A 146 -12.74 17.28 -9.99
N PRO A 147 -12.78 18.39 -9.25
CA PRO A 147 -11.79 19.48 -9.19
C PRO A 147 -10.64 19.22 -8.21
N ARG A 148 -9.59 20.04 -8.31
CA ARG A 148 -8.42 19.88 -7.42
C ARG A 148 -7.67 21.20 -7.43
N GLY A 149 -6.90 21.46 -6.37
CA GLY A 149 -6.08 22.66 -6.32
C GLY A 149 -5.94 23.16 -4.90
N VAL A 150 -5.80 24.47 -4.78
CA VAL A 150 -5.72 25.14 -3.49
C VAL A 150 -6.75 26.25 -3.51
N ARG A 151 -7.42 26.45 -2.38
CA ARG A 151 -8.51 27.40 -2.30
C ARG A 151 -8.72 27.90 -0.87
N ALA A 152 -9.62 28.85 -0.70
CA ALA A 152 -10.20 29.12 0.60
C ALA A 152 -11.22 28.04 0.87
N ALA A 153 -11.16 27.38 2.03
CA ALA A 153 -12.08 26.29 2.34
C ALA A 153 -13.51 26.81 2.25
N PRO A 154 -14.36 26.14 1.44
CA PRO A 154 -15.71 26.66 1.13
C PRO A 154 -16.70 26.49 2.26
N ASP A 155 -16.41 25.56 3.17
CA ASP A 155 -17.35 25.13 4.19
C ASP A 155 -16.62 24.30 5.23
N GLY A 156 -17.36 23.79 6.20
CA GLY A 156 -16.77 22.92 7.21
C GLY A 156 -16.16 23.69 8.36
N PRO A 157 -15.57 22.94 9.31
CA PRO A 157 -15.03 23.45 10.57
C PRO A 157 -13.92 24.48 10.35
N PHE A 158 -13.34 24.51 9.14
CA PHE A 158 -12.24 25.41 8.86
C PHE A 158 -12.52 26.29 7.65
N ALA A 159 -13.79 26.54 7.39
CA ALA A 159 -14.20 27.43 6.31
C ALA A 159 -13.37 28.71 6.31
N GLY A 160 -12.93 29.13 5.14
CA GLY A 160 -12.17 30.35 4.97
C GLY A 160 -10.66 30.16 4.98
N GLU A 161 -10.20 29.07 5.57
CA GLU A 161 -8.76 28.86 5.70
C GLU A 161 -8.18 28.38 4.37
N ARG A 162 -6.89 28.60 4.14
CA ARG A 162 -6.24 28.04 2.97
C ARG A 162 -6.35 26.54 3.02
N GLU A 163 -6.63 25.91 1.88
CA GLU A 163 -6.90 24.48 1.88
C GLU A 163 -6.49 23.85 0.54
N GLY A 164 -5.85 22.70 0.58
CA GLY A 164 -5.54 21.95 -0.62
C GLY A 164 -6.60 20.88 -0.78
N PHE A 165 -6.93 20.50 -2.01
CA PHE A 165 -7.96 19.50 -2.21
C PHE A 165 -7.78 18.73 -3.52
N ASP A 166 -8.32 17.51 -3.53
CA ASP A 166 -8.32 16.67 -4.74
C ASP A 166 -9.64 15.91 -4.72
N THR A 167 -10.09 15.41 -5.86
CA THR A 167 -11.34 14.65 -5.88
C THR A 167 -11.07 13.23 -6.35
N MET A 168 -11.34 12.27 -5.46
CA MET A 168 -11.31 10.86 -5.83
C MET A 168 -12.65 10.55 -6.49
N ARG A 169 -12.62 9.96 -7.68
CA ARG A 169 -13.87 9.60 -8.33
C ARG A 169 -13.63 8.43 -9.28
N TYR A 170 -14.62 7.55 -9.38
CA TYR A 170 -14.61 6.43 -10.31
C TYR A 170 -16.04 6.23 -10.80
N SER A 171 -16.23 6.24 -12.11
CA SER A 171 -17.58 6.00 -12.69
C SER A 171 -17.77 4.52 -13.01
N GLU A 172 -19.01 4.13 -13.27
CA GLU A 172 -19.30 2.71 -13.48
C GLU A 172 -18.48 2.09 -14.64
N PRO A 173 -18.40 2.76 -15.80
CA PRO A 173 -17.64 2.13 -16.88
C PRO A 173 -16.16 1.97 -16.58
N GLU A 174 -15.61 2.87 -15.77
CA GLU A 174 -14.20 2.79 -15.40
C GLU A 174 -13.90 1.58 -14.53
N VAL A 175 -14.78 1.29 -13.58
CA VAL A 175 -14.57 0.14 -12.72
C VAL A 175 -14.91 -1.13 -13.49
N ARG A 176 -15.94 -1.09 -14.32
CA ARG A 176 -16.33 -2.29 -15.03
C ARG A 176 -15.21 -2.78 -15.95
N ARG A 177 -14.58 -1.86 -16.67
CA ARG A 177 -13.60 -2.29 -17.67
C ARG A 177 -12.33 -2.84 -17.01
N ILE A 178 -11.90 -2.25 -15.89
CA ILE A 178 -10.70 -2.79 -15.22
C ILE A 178 -11.06 -4.15 -14.56
N ALA A 179 -12.31 -4.30 -14.11
CA ALA A 179 -12.76 -5.53 -13.51
C ALA A 179 -12.67 -6.65 -14.56
N HIS A 180 -13.16 -6.38 -15.79
CA HIS A 180 -13.09 -7.40 -16.82
C HIS A 180 -11.66 -7.81 -17.12
N VAL A 181 -10.77 -6.83 -17.26
CA VAL A 181 -9.40 -7.14 -17.60
C VAL A 181 -8.79 -8.02 -16.50
N ALA A 182 -9.08 -7.67 -15.25
CA ALA A 182 -8.44 -8.39 -14.14
C ALA A 182 -9.00 -9.79 -14.02
N PHE A 183 -10.31 -9.95 -14.20
CA PHE A 183 -10.90 -11.27 -14.09
C PHE A 183 -10.39 -12.17 -15.20
N GLN A 184 -10.19 -11.61 -16.38
CA GLN A 184 -9.69 -12.41 -17.50
CA GLN A 184 -9.67 -12.36 -17.53
C GLN A 184 -8.23 -12.79 -17.32
N ALA A 185 -7.44 -11.93 -16.69
CA ALA A 185 -6.04 -12.27 -16.36
C ALA A 185 -6.07 -13.43 -15.35
N ALA A 186 -6.97 -13.36 -14.37
CA ALA A 186 -7.05 -14.42 -13.35
C ALA A 186 -7.43 -15.75 -13.99
N GLN A 187 -8.23 -15.69 -15.05
CA GLN A 187 -8.52 -16.90 -15.82
C GLN A 187 -7.29 -17.51 -16.47
N LYS A 188 -6.34 -16.67 -16.86
CA LYS A 188 -5.13 -17.19 -17.50
C LYS A 188 -4.07 -17.60 -16.48
N ARG A 189 -4.46 -17.61 -15.18
CA ARG A 189 -3.55 -17.94 -14.09
C ARG A 189 -4.17 -18.97 -13.13
N ALA A 190 -4.31 -18.65 -11.84
CA ALA A 190 -4.82 -19.62 -10.87
C ALA A 190 -6.27 -19.37 -10.44
N LYS A 191 -6.97 -18.55 -11.21
CA LYS A 191 -8.39 -18.27 -10.97
C LYS A 191 -8.72 -17.76 -9.56
N LYS A 192 -7.85 -16.89 -9.02
CA LYS A 192 -8.10 -16.19 -7.76
C LYS A 192 -7.90 -14.71 -7.99
N LEU A 193 -8.89 -13.91 -7.65
CA LEU A 193 -8.73 -12.47 -7.80
C LEU A 193 -9.02 -11.80 -6.46
N LEU A 194 -8.11 -10.93 -6.01
CA LEU A 194 -8.31 -10.14 -4.79
C LEU A 194 -8.54 -8.69 -5.20
N SER A 195 -9.69 -8.14 -4.82
CA SER A 195 -9.94 -6.71 -5.06
C SER A 195 -9.64 -5.89 -3.77
N VAL A 196 -8.88 -4.79 -3.88
CA VAL A 196 -8.46 -4.04 -2.71
C VAL A 196 -9.08 -2.66 -2.74
N ASP A 197 -9.68 -2.25 -1.65
CA ASP A 197 -10.27 -0.90 -1.60
C ASP A 197 -10.26 -0.38 -0.17
N LYS A 198 -10.85 0.79 0.09
CA LYS A 198 -11.03 1.24 1.48
C LYS A 198 -12.53 1.52 1.68
N SER A 199 -13.36 0.52 1.37
CA SER A 199 -14.80 0.76 1.32
C SER A 199 -15.46 0.95 2.67
N ASN A 200 -14.75 0.65 3.75
CA ASN A 200 -15.25 0.92 5.10
C ASN A 200 -15.12 2.39 5.49
N VAL A 201 -14.49 3.19 4.63
CA VAL A 201 -14.45 4.64 4.86
C VAL A 201 -14.88 5.44 3.61
N LEU A 202 -14.43 5.01 2.44
CA LEU A 202 -14.56 5.84 1.23
C LEU A 202 -15.74 5.42 0.37
N GLU A 203 -16.52 6.41 -0.09
CA GLU A 203 -17.64 6.10 -0.98
C GLU A 203 -17.17 5.62 -2.36
N THR A 204 -16.04 6.15 -2.83
CA THR A 204 -15.50 5.70 -4.11
C THR A 204 -15.19 4.22 -4.03
N SER A 205 -14.60 3.81 -2.91
CA SER A 205 -14.26 2.41 -2.71
C SER A 205 -15.47 1.49 -2.58
N GLN A 206 -16.52 1.92 -1.89
CA GLN A 206 -17.71 1.08 -1.82
C GLN A 206 -18.30 0.93 -3.24
N PHE A 207 -18.23 2.01 -4.02
CA PHE A 207 -18.75 1.95 -5.38
C PHE A 207 -17.91 0.97 -6.21
N TRP A 208 -16.59 1.07 -6.08
CA TRP A 208 -15.67 0.13 -6.70
C TRP A 208 -16.06 -1.32 -6.36
N ARG A 209 -16.23 -1.57 -5.06
CA ARG A 209 -16.55 -2.93 -4.59
C ARG A 209 -17.85 -3.42 -5.21
N ASP A 210 -18.85 -2.53 -5.25
CA ASP A 210 -20.15 -2.92 -5.79
C ASP A 210 -20.04 -3.32 -7.25
N VAL A 211 -19.29 -2.54 -8.04
CA VAL A 211 -19.18 -2.85 -9.45
C VAL A 211 -18.34 -4.12 -9.65
N MET A 212 -17.28 -4.26 -8.85
CA MET A 212 -16.46 -5.46 -8.90
C MET A 212 -17.32 -6.71 -8.68
N ILE A 213 -18.20 -6.66 -7.70
CA ILE A 213 -19.07 -7.79 -7.39
C ILE A 213 -20.06 -8.02 -8.53
N ASP A 214 -20.58 -6.97 -9.11
CA ASP A 214 -21.50 -7.14 -10.24
C ASP A 214 -20.79 -7.85 -11.41
N VAL A 215 -19.59 -7.43 -11.76
CA VAL A 215 -18.85 -8.11 -12.82
C VAL A 215 -18.53 -9.55 -12.46
N SER A 216 -18.27 -9.82 -11.19
CA SER A 216 -17.86 -11.15 -10.77
C SER A 216 -18.93 -12.18 -11.16
N LYS A 217 -20.17 -11.74 -11.36
CA LYS A 217 -21.24 -12.68 -11.72
C LYS A 217 -20.97 -13.36 -13.07
N GLU A 218 -20.17 -12.72 -13.90
CA GLU A 218 -19.83 -13.28 -15.21
C GLU A 218 -18.57 -14.18 -15.18
N TYR A 219 -17.90 -14.24 -14.02
CA TYR A 219 -16.66 -14.99 -13.87
C TYR A 219 -16.75 -15.90 -12.67
N ALA A 220 -17.78 -16.75 -12.60
CA ALA A 220 -17.95 -17.61 -11.43
C ALA A 220 -16.82 -18.64 -11.28
N ASP A 221 -16.05 -18.86 -12.34
CA ASP A 221 -14.88 -19.73 -12.31
C ASP A 221 -13.72 -19.11 -11.52
N VAL A 222 -13.83 -17.81 -11.26
CA VAL A 222 -12.77 -17.09 -10.52
C VAL A 222 -13.25 -16.81 -9.11
N GLU A 223 -12.43 -17.17 -8.13
CA GLU A 223 -12.75 -16.87 -6.74
C GLU A 223 -12.41 -15.42 -6.42
N LEU A 224 -13.44 -14.61 -6.17
CA LEU A 224 -13.22 -13.20 -5.80
C LEU A 224 -13.19 -13.00 -4.29
N SER A 225 -12.16 -12.32 -3.80
CA SER A 225 -12.15 -11.93 -2.40
CA SER A 225 -12.02 -11.96 -2.40
C SER A 225 -11.80 -10.46 -2.33
N HIS A 226 -12.05 -9.87 -1.16
CA HIS A 226 -11.82 -8.43 -0.98
C HIS A 226 -10.94 -8.20 0.23
N MET A 227 -10.13 -7.14 0.17
CA MET A 227 -9.29 -6.76 1.29
C MET A 227 -9.23 -5.26 1.39
N TYR A 228 -9.15 -4.72 2.60
CA TYR A 228 -8.91 -3.30 2.75
C TYR A 228 -7.43 -3.00 2.49
N VAL A 229 -7.14 -1.80 2.00
CA VAL A 229 -5.78 -1.48 1.54
C VAL A 229 -4.75 -1.58 2.65
N ASP A 230 -5.12 -1.24 3.89
CA ASP A 230 -4.12 -1.30 4.97
C ASP A 230 -3.74 -2.76 5.26
N ASN A 231 -4.73 -3.64 5.34
CA ASN A 231 -4.47 -5.08 5.52
C ASN A 231 -3.66 -5.60 4.33
N ALA A 232 -3.98 -5.13 3.11
CA ALA A 232 -3.24 -5.66 1.94
C ALA A 232 -1.77 -5.31 2.01
N ALA A 233 -1.46 -4.08 2.42
CA ALA A 233 -0.05 -3.69 2.55
C ALA A 233 0.69 -4.57 3.58
N MET A 234 -0.03 -4.96 4.63
CA MET A 234 0.58 -5.85 5.61
CA MET A 234 0.54 -5.86 5.64
C MET A 234 0.72 -7.27 5.06
N GLN A 235 -0.30 -7.75 4.36
CA GLN A 235 -0.28 -9.12 3.85
C GLN A 235 0.81 -9.34 2.80
N LEU A 236 1.10 -8.30 2.03
CA LEU A 236 2.16 -8.39 1.03
C LEU A 236 3.51 -8.62 1.70
N ALA A 237 3.72 -8.03 2.87
CA ALA A 237 4.96 -8.25 3.64
C ALA A 237 4.95 -9.57 4.39
N LYS A 238 3.80 -9.92 4.95
CA LYS A 238 3.69 -11.11 5.79
C LYS A 238 3.72 -12.41 4.99
N ALA A 239 3.02 -12.43 3.86
CA ALA A 239 2.88 -13.66 3.09
C ALA A 239 2.41 -13.35 1.69
N PRO A 240 3.30 -12.77 0.86
CA PRO A 240 2.88 -12.39 -0.50
C PRO A 240 2.45 -13.59 -1.37
N LYS A 241 2.88 -14.80 -1.02
CA LYS A 241 2.52 -15.98 -1.83
C LYS A 241 1.05 -16.36 -1.73
N GLN A 242 0.32 -15.72 -0.82
CA GLN A 242 -1.09 -16.01 -0.66
C GLN A 242 -1.92 -15.53 -1.86
N PHE A 243 -1.37 -14.60 -2.65
CA PHE A 243 -2.14 -13.98 -3.73
C PHE A 243 -1.88 -14.66 -5.08
N ASP A 244 -2.78 -14.39 -6.04
CA ASP A 244 -2.57 -14.74 -7.44
C ASP A 244 -2.65 -13.45 -8.23
N VAL A 245 -3.86 -12.93 -8.44
CA VAL A 245 -4.06 -11.61 -9.05
C VAL A 245 -4.72 -10.66 -8.06
N ILE A 246 -4.20 -9.43 -8.00
CA ILE A 246 -4.75 -8.36 -7.18
C ILE A 246 -5.21 -7.26 -8.10
N VAL A 247 -6.41 -6.73 -7.90
CA VAL A 247 -6.86 -5.58 -8.71
C VAL A 247 -7.24 -4.43 -7.79
N THR A 248 -6.87 -3.21 -8.18
CA THR A 248 -7.17 -2.06 -7.31
C THR A 248 -7.06 -0.76 -8.09
N GLY A 249 -7.45 0.33 -7.46
CA GLY A 249 -7.45 1.62 -8.09
C GLY A 249 -6.03 2.15 -8.32
N ASN A 250 -5.98 3.33 -8.94
CA ASN A 250 -4.72 3.91 -9.37
C ASN A 250 -3.79 4.20 -8.19
N MET A 251 -4.29 4.94 -7.21
CA MET A 251 -3.44 5.31 -6.08
C MET A 251 -3.07 4.11 -5.23
N PHE A 252 -4.04 3.29 -4.87
CA PHE A 252 -3.70 2.13 -4.03
C PHE A 252 -2.78 1.21 -4.79
N GLY A 253 -2.98 1.07 -6.09
CA GLY A 253 -2.13 0.19 -6.91
C GLY A 253 -0.71 0.67 -7.03
N ASP A 254 -0.58 1.98 -7.14
CA ASP A 254 0.73 2.62 -7.19
C ASP A 254 1.53 2.23 -5.94
N ILE A 255 0.90 2.41 -4.79
CA ILE A 255 1.54 2.13 -3.52
C ILE A 255 1.82 0.62 -3.37
N LEU A 256 0.81 -0.21 -3.57
CA LEU A 256 0.99 -1.66 -3.36
C LEU A 256 1.98 -2.26 -4.36
N SER A 257 1.95 -1.77 -5.58
CA SER A 257 2.89 -2.33 -6.57
C SER A 257 4.34 -1.93 -6.24
N ASP A 258 4.56 -0.69 -5.83
CA ASP A 258 5.91 -0.31 -5.45
C ASP A 258 6.36 -1.12 -4.23
N GLU A 259 5.48 -1.30 -3.26
CA GLU A 259 5.81 -2.15 -2.12
C GLU A 259 6.21 -3.57 -2.57
N ALA A 260 5.39 -4.17 -3.42
CA ALA A 260 5.67 -5.53 -3.90
C ALA A 260 6.99 -5.59 -4.67
N SER A 261 7.29 -4.57 -5.46
CA SER A 261 8.52 -4.54 -6.22
CA SER A 261 8.53 -4.54 -6.22
C SER A 261 9.73 -4.51 -5.29
N MET A 262 9.65 -3.74 -4.22
CA MET A 262 10.74 -3.71 -3.24
C MET A 262 10.85 -5.09 -2.54
N LEU A 263 9.70 -5.70 -2.30
CA LEU A 263 9.73 -6.96 -1.59
C LEU A 263 10.42 -8.06 -2.43
N THR A 264 10.40 -7.94 -3.76
CA THR A 264 11.08 -8.96 -4.58
C THR A 264 12.60 -8.78 -4.54
N GLY A 265 13.03 -7.57 -4.28
CA GLY A 265 14.46 -7.36 -4.14
C GLY A 265 15.17 -6.93 -5.42
N SER A 266 14.55 -7.17 -6.58
CA SER A 266 15.25 -6.84 -7.85
C SER A 266 14.24 -6.15 -8.76
N ILE A 267 13.95 -4.89 -8.45
CA ILE A 267 12.99 -4.11 -9.20
CA ILE A 267 12.96 -4.14 -9.21
C ILE A 267 13.35 -4.08 -10.68
N GLY A 268 14.64 -4.19 -10.96
CA GLY A 268 15.14 -4.17 -12.32
C GLY A 268 14.97 -5.38 -13.22
N MET A 269 14.43 -6.47 -12.68
CA MET A 269 14.04 -7.69 -13.40
C MET A 269 12.56 -7.68 -13.86
N LEU A 270 11.83 -6.67 -13.42
CA LEU A 270 10.37 -6.74 -13.47
C LEU A 270 9.79 -6.18 -14.75
N PRO A 271 8.92 -6.97 -15.41
CA PRO A 271 8.27 -6.51 -16.63
C PRO A 271 7.01 -5.72 -16.28
N SER A 272 6.42 -5.03 -17.26
CA SER A 272 5.22 -4.21 -17.03
CA SER A 272 5.15 -4.35 -17.01
C SER A 272 4.36 -4.22 -18.30
N ALA A 273 3.06 -3.96 -18.17
CA ALA A 273 2.25 -3.79 -19.38
C ALA A 273 1.14 -2.80 -19.11
N SER A 274 0.65 -2.17 -20.16
CA SER A 274 -0.54 -1.31 -20.05
C SER A 274 -1.52 -1.77 -21.11
N LEU A 275 -2.70 -2.21 -20.69
CA LEU A 275 -3.64 -2.86 -21.62
C LEU A 275 -4.92 -2.11 -21.83
N ASP A 276 -5.54 -2.33 -23.00
CA ASP A 276 -6.86 -1.74 -23.29
C ASP A 276 -7.97 -2.78 -23.12
N LYS A 277 -9.19 -2.41 -23.54
CA LYS A 277 -10.37 -3.25 -23.29
C LYS A 277 -10.40 -4.56 -24.09
N ASN A 278 -9.55 -4.67 -25.11
CA ASN A 278 -9.44 -5.91 -25.89
C ASN A 278 -8.18 -6.68 -25.51
N ASN A 279 -7.55 -6.27 -24.41
CA ASN A 279 -6.28 -6.84 -23.97
C ASN A 279 -5.16 -6.67 -24.98
N LYS A 280 -5.30 -5.65 -25.83
CA LYS A 280 -4.14 -5.19 -26.61
C LYS A 280 -3.28 -4.41 -25.66
N GLY A 281 -1.98 -4.69 -25.63
CA GLY A 281 -1.16 -3.97 -24.67
C GLY A 281 0.10 -3.37 -25.21
N LEU A 282 0.63 -2.44 -24.42
CA LEU A 282 2.00 -1.95 -24.55
C LEU A 282 2.80 -2.65 -23.46
N TYR A 283 3.92 -3.28 -23.81
CA TYR A 283 4.71 -4.12 -22.91
C TYR A 283 6.09 -3.52 -22.82
N GLU A 284 6.55 -3.30 -21.58
CA GLU A 284 7.80 -2.54 -21.35
C GLU A 284 8.43 -2.98 -20.03
N PRO A 285 9.76 -2.89 -19.94
CA PRO A 285 10.33 -3.11 -18.60
C PRO A 285 9.79 -2.07 -17.62
N SER A 286 9.67 -2.42 -16.35
CA SER A 286 9.16 -1.44 -15.42
CA SER A 286 9.20 -1.47 -15.35
C SER A 286 10.19 -0.33 -15.16
N HIS A 287 11.48 -0.63 -15.30
CA HIS A 287 12.56 0.32 -14.91
C HIS A 287 12.76 1.64 -15.68
N GLY A 288 12.36 1.78 -16.93
CA GLY A 288 12.70 3.09 -17.52
C GLY A 288 14.18 3.39 -17.75
N SER A 289 14.54 4.64 -18.02
CA SER A 289 15.88 4.97 -18.49
C SER A 289 17.01 4.73 -17.48
N ALA A 290 18.22 4.55 -17.98
CA ALA A 290 19.40 4.47 -17.14
C ALA A 290 20.57 5.16 -17.84
N PRO A 291 20.60 6.50 -17.80
CA PRO A 291 21.61 7.26 -18.54
C PRO A 291 23.05 6.90 -18.17
N ASP A 292 23.28 6.48 -16.93
CA ASP A 292 24.63 6.22 -16.46
C ASP A 292 25.25 5.02 -17.15
N ILE A 293 24.44 4.11 -17.68
CA ILE A 293 24.97 2.94 -18.40
C ILE A 293 24.52 2.84 -19.88
N ALA A 294 23.79 3.85 -20.34
CA ALA A 294 23.25 3.85 -21.70
C ALA A 294 24.33 3.66 -22.73
N GLY A 295 24.10 2.70 -23.62
CA GLY A 295 25.01 2.40 -24.70
C GLY A 295 26.27 1.65 -24.37
N LYS A 296 26.45 1.28 -23.09
CA LYS A 296 27.64 0.57 -22.67
C LYS A 296 27.56 -0.96 -22.83
N GLY A 297 26.43 -1.45 -23.32
CA GLY A 297 26.27 -2.88 -23.56
C GLY A 297 26.15 -3.74 -22.33
N ILE A 298 25.73 -3.15 -21.20
CA ILE A 298 25.66 -3.94 -19.97
C ILE A 298 24.29 -3.96 -19.29
N ALA A 299 23.34 -3.17 -19.79
CA ALA A 299 22.02 -3.16 -19.22
C ALA A 299 21.39 -4.55 -19.19
N ASN A 300 20.62 -4.83 -18.15
CA ASN A 300 19.93 -6.12 -18.02
C ASN A 300 18.70 -6.15 -18.95
N PRO A 301 18.67 -7.09 -19.92
CA PRO A 301 17.53 -7.18 -20.85
C PRO A 301 16.41 -8.07 -20.33
N LEU A 302 16.57 -8.67 -19.16
CA LEU A 302 15.63 -9.71 -18.78
C LEU A 302 14.22 -9.15 -18.53
N ALA A 303 14.10 -7.96 -17.95
CA ALA A 303 12.75 -7.40 -17.75
C ALA A 303 12.05 -7.19 -19.08
N THR A 304 12.80 -6.78 -20.11
CA THR A 304 12.21 -6.50 -21.43
C THR A 304 11.82 -7.81 -22.10
N ILE A 305 12.70 -8.80 -21.98
CA ILE A 305 12.39 -10.13 -22.49
C ILE A 305 11.13 -10.70 -21.82
N LEU A 306 11.02 -10.55 -20.50
CA LEU A 306 9.82 -10.99 -19.79
C LEU A 306 8.58 -10.21 -20.21
N SER A 307 8.76 -8.96 -20.61
CA SER A 307 7.64 -8.15 -21.10
CA SER A 307 7.59 -8.22 -21.04
C SER A 307 7.17 -8.70 -22.44
N ALA A 308 8.13 -9.19 -23.23
CA ALA A 308 7.78 -9.79 -24.50
C ALA A 308 7.00 -11.09 -24.27
N ALA A 309 7.33 -11.84 -23.22
CA ALA A 309 6.54 -13.04 -22.88
C ALA A 309 5.12 -12.64 -22.48
N MET A 310 5.00 -11.56 -21.72
CA MET A 310 3.67 -11.08 -21.33
C MET A 310 2.86 -10.72 -22.58
N LEU A 311 3.55 -10.12 -23.54
CA LEU A 311 2.93 -9.69 -24.80
C LEU A 311 2.30 -10.89 -25.50
N LEU A 312 3.05 -11.98 -25.59
CA LEU A 312 2.56 -13.21 -26.20
C LEU A 312 1.37 -13.78 -25.47
N ARG A 313 1.45 -13.77 -24.15
CA ARG A 313 0.39 -14.37 -23.32
C ARG A 313 -0.91 -13.58 -23.37
N TYR A 314 -0.82 -12.26 -23.25
CA TYR A 314 -2.05 -11.47 -23.07
C TYR A 314 -2.58 -10.81 -24.34
N SER A 315 -1.73 -10.51 -25.31
CA SER A 315 -2.23 -9.87 -26.51
C SER A 315 -2.27 -10.77 -27.75
N LEU A 316 -1.37 -11.74 -27.85
CA LEU A 316 -1.29 -12.50 -29.10
C LEU A 316 -1.73 -13.95 -29.02
N ASN A 317 -2.36 -14.35 -27.91
CA ASN A 317 -2.87 -15.72 -27.77
C ASN A 317 -1.74 -16.74 -28.02
N ARG A 318 -0.59 -16.51 -27.39
CA ARG A 318 0.52 -17.46 -27.48
C ARG A 318 1.06 -17.78 -26.10
N ALA A 319 0.20 -18.29 -25.23
CA ALA A 319 0.60 -18.63 -23.87
C ALA A 319 1.72 -19.67 -23.83
N GLU A 320 1.73 -20.64 -24.74
CA GLU A 320 2.78 -21.65 -24.71
C GLU A 320 4.14 -21.04 -24.98
N GLN A 321 4.23 -20.12 -25.95
CA GLN A 321 5.50 -19.47 -26.24
C GLN A 321 5.92 -18.55 -25.11
N ALA A 322 4.95 -17.89 -24.48
CA ALA A 322 5.24 -17.10 -23.28
C ALA A 322 5.86 -17.99 -22.19
N ASP A 323 5.26 -19.16 -21.96
CA ASP A 323 5.80 -20.10 -20.97
C ASP A 323 7.25 -20.49 -21.31
N ARG A 324 7.50 -20.64 -22.60
CA ARG A 324 8.80 -21.04 -23.11
C ARG A 324 9.87 -20.00 -22.81
N ILE A 325 9.52 -18.74 -23.01
CA ILE A 325 10.43 -17.63 -22.68
C ILE A 325 10.65 -17.56 -21.18
N GLU A 326 9.59 -17.66 -20.39
CA GLU A 326 9.73 -17.57 -18.95
C GLU A 326 10.55 -18.76 -18.41
N ARG A 327 10.43 -19.93 -19.03
CA ARG A 327 11.24 -21.08 -18.68
CA ARG A 327 11.26 -21.06 -18.64
C ARG A 327 12.71 -20.79 -18.98
N ALA A 328 12.95 -20.19 -20.14
CA ALA A 328 14.32 -19.88 -20.57
C ALA A 328 14.99 -18.90 -19.60
N VAL A 329 14.24 -17.90 -19.13
CA VAL A 329 14.81 -16.94 -18.18
C VAL A 329 15.16 -17.65 -16.87
N LYS A 330 14.28 -18.54 -16.39
CA LYS A 330 14.59 -19.30 -15.17
C LYS A 330 15.85 -20.13 -15.35
N THR A 331 15.98 -20.73 -16.52
CA THR A 331 17.14 -21.56 -16.83
C THR A 331 18.46 -20.78 -16.86
N VAL A 332 18.48 -19.58 -17.45
CA VAL A 332 19.76 -18.88 -17.53
C VAL A 332 20.18 -18.46 -16.13
N LEU A 333 19.22 -18.13 -15.29
CA LEU A 333 19.57 -17.82 -13.91
C LEU A 333 20.12 -19.06 -13.18
N GLU A 334 19.48 -20.22 -13.38
CA GLU A 334 20.01 -21.47 -12.82
C GLU A 334 21.43 -21.74 -13.31
N GLN A 335 21.69 -21.43 -14.57
CA GLN A 335 22.99 -21.66 -15.19
C GLN A 335 24.07 -20.72 -14.68
N GLY A 336 23.67 -19.70 -13.94
CA GLY A 336 24.64 -18.78 -13.37
C GLY A 336 24.83 -17.47 -14.08
N TYR A 337 24.12 -17.24 -15.18
CA TYR A 337 24.29 -15.99 -15.93
C TYR A 337 23.74 -14.82 -15.14
N ARG A 338 24.51 -13.74 -15.09
CA ARG A 338 24.03 -12.50 -14.46
C ARG A 338 24.53 -11.29 -15.22
N THR A 339 23.70 -10.28 -15.38
CA THR A 339 24.20 -8.96 -15.80
C THR A 339 24.71 -8.25 -14.55
N GLY A 340 25.43 -7.15 -14.71
CA GLY A 340 26.08 -6.49 -13.57
C GLY A 340 25.16 -6.13 -12.41
N ASP A 341 23.93 -5.72 -12.74
CA ASP A 341 22.95 -5.32 -11.73
C ASP A 341 22.54 -6.45 -10.79
N ILE A 342 22.61 -7.70 -11.25
CA ILE A 342 22.15 -8.81 -10.44
C ILE A 342 23.27 -9.77 -10.13
N ALA A 343 24.52 -9.33 -10.30
CA ALA A 343 25.68 -10.20 -10.09
C ALA A 343 25.67 -10.79 -8.69
N THR A 344 25.95 -12.09 -8.63
CA THR A 344 26.03 -12.86 -7.38
C THR A 344 27.41 -13.54 -7.36
N PRO A 345 27.90 -13.89 -6.15
CA PRO A 345 29.22 -14.55 -6.05
C PRO A 345 29.35 -15.78 -6.94
N GLY A 346 30.42 -15.83 -7.72
CA GLY A 346 30.70 -17.00 -8.56
C GLY A 346 29.90 -17.10 -9.84
N CYS A 347 29.18 -16.04 -10.16
CA CYS A 347 28.32 -16.06 -11.34
C CYS A 347 29.10 -15.95 -12.65
N ARG A 348 28.39 -16.15 -13.75
CA ARG A 348 28.91 -15.89 -15.08
C ARG A 348 28.41 -14.54 -15.51
N GLN A 349 29.25 -13.51 -15.35
CA GLN A 349 28.80 -12.14 -15.62
C GLN A 349 28.85 -11.85 -17.13
N VAL A 350 27.75 -11.34 -17.66
CA VAL A 350 27.61 -11.07 -19.09
C VAL A 350 27.01 -9.71 -19.32
N GLY A 351 27.26 -9.16 -20.51
CA GLY A 351 26.60 -7.97 -20.97
C GLY A 351 25.23 -8.30 -21.56
N THR A 352 24.60 -7.28 -22.10
CA THR A 352 23.23 -7.35 -22.61
C THR A 352 23.09 -8.42 -23.69
N ALA A 353 24.00 -8.39 -24.67
CA ALA A 353 23.87 -9.26 -25.83
C ALA A 353 24.11 -10.72 -25.44
N ALA A 354 25.11 -10.97 -24.60
CA ALA A 354 25.42 -12.33 -24.21
C ALA A 354 24.32 -12.86 -23.30
N MET A 355 23.69 -12.00 -22.52
CA MET A 355 22.52 -12.46 -21.75
C MET A 355 21.38 -12.86 -22.69
N GLY A 356 21.11 -12.04 -23.70
CA GLY A 356 20.09 -12.39 -24.68
C GLY A 356 20.45 -13.70 -25.38
N ASP A 357 21.72 -13.89 -25.72
CA ASP A 357 22.13 -15.16 -26.35
C ASP A 357 21.82 -16.36 -25.44
N ALA A 358 22.03 -16.16 -24.15
CA ALA A 358 21.86 -17.25 -23.20
C ALA A 358 20.37 -17.62 -23.09
N VAL A 359 19.50 -16.61 -23.13
CA VAL A 359 18.04 -16.86 -23.11
C VAL A 359 17.64 -17.62 -24.38
N VAL A 360 18.12 -17.18 -25.54
CA VAL A 360 17.88 -17.89 -26.79
C VAL A 360 18.32 -19.34 -26.73
N ALA A 361 19.51 -19.60 -26.17
CA ALA A 361 20.01 -20.97 -26.07
C ALA A 361 19.11 -21.86 -25.20
N ALA A 362 18.38 -21.27 -24.25
CA ALA A 362 17.57 -22.01 -23.29
C ALA A 362 16.11 -22.13 -23.72
N LEU A 363 15.81 -21.73 -24.95
CA LEU A 363 14.44 -21.87 -25.46
C LEU A 363 14.11 -23.33 -25.78
N MET B 9 -10.43 9.40 38.15
CA MET B 9 -10.01 8.73 36.92
C MET B 9 -11.06 7.76 36.42
N LYS B 10 -11.88 8.25 35.49
CA LYS B 10 -12.91 7.45 34.87
C LYS B 10 -12.46 7.00 33.49
N ILE B 11 -12.60 5.71 33.20
CA ILE B 11 -12.24 5.19 31.90
C ILE B 11 -13.49 4.63 31.26
N ALA B 12 -13.82 5.11 30.07
CA ALA B 12 -14.91 4.50 29.30
C ALA B 12 -14.35 3.31 28.57
N VAL B 13 -14.98 2.15 28.70
CA VAL B 13 -14.46 0.92 28.11
C VAL B 13 -15.42 0.50 27.01
N LEU B 14 -14.96 0.55 25.76
CA LEU B 14 -15.81 0.37 24.60
C LEU B 14 -15.27 -0.77 23.77
N PRO B 15 -15.63 -2.01 24.11
CA PRO B 15 -14.93 -3.15 23.48
C PRO B 15 -15.27 -3.34 22.02
N GLY B 16 -16.53 -3.10 21.63
CA GLY B 16 -16.85 -3.25 20.23
C GLY B 16 -17.18 -4.65 19.77
N ASP B 17 -16.67 -4.95 18.57
CA ASP B 17 -17.07 -6.13 17.79
C ASP B 17 -15.92 -7.13 17.64
N GLY B 18 -16.23 -8.32 17.17
CA GLY B 18 -15.16 -9.24 16.78
C GLY B 18 -14.30 -9.65 17.96
N ILE B 19 -12.98 -9.55 17.79
CA ILE B 19 -12.06 -9.83 18.89
C ILE B 19 -12.01 -8.73 19.93
N GLY B 20 -12.69 -7.61 19.69
CA GLY B 20 -12.70 -6.53 20.66
C GLY B 20 -12.96 -6.91 22.12
N PRO B 21 -14.09 -7.56 22.39
CA PRO B 21 -14.37 -7.96 23.77
C PRO B 21 -13.29 -8.87 24.38
N GLU B 22 -12.82 -9.89 23.65
CA GLU B 22 -11.87 -10.78 24.31
C GLU B 22 -10.50 -10.11 24.56
N ILE B 23 -10.08 -9.15 23.72
CA ILE B 23 -8.79 -8.51 23.98
C ILE B 23 -8.94 -7.39 25.03
N VAL B 24 -10.06 -6.68 25.02
CA VAL B 24 -10.26 -5.63 26.04
C VAL B 24 -10.47 -6.28 27.40
N ASN B 25 -11.04 -7.48 27.46
CA ASN B 25 -11.13 -8.18 28.72
C ASN B 25 -9.77 -8.34 29.36
N GLU B 26 -8.75 -8.61 28.55
CA GLU B 26 -7.40 -8.79 29.09
C GLU B 26 -6.80 -7.47 29.54
N ALA B 27 -7.01 -6.40 28.77
CA ALA B 27 -6.51 -5.10 29.19
C ALA B 27 -7.16 -4.68 30.52
N VAL B 28 -8.46 -4.93 30.66
CA VAL B 28 -9.17 -4.59 31.89
C VAL B 28 -8.67 -5.47 33.03
N LYS B 29 -8.43 -6.74 32.76
CA LYS B 29 -7.84 -7.63 33.78
C LYS B 29 -6.50 -7.04 34.31
N VAL B 30 -5.64 -6.60 33.39
CA VAL B 30 -4.35 -5.99 33.75
C VAL B 30 -4.56 -4.69 34.55
N LEU B 31 -5.44 -3.80 34.11
CA LEU B 31 -5.72 -2.58 34.88
C LEU B 31 -6.23 -2.89 36.28
N ASN B 32 -7.10 -3.90 36.39
CA ASN B 32 -7.67 -4.26 37.68
C ASN B 32 -6.64 -4.89 38.61
N ALA B 33 -5.51 -5.35 38.07
CA ALA B 33 -4.48 -5.96 38.88
C ALA B 33 -3.48 -4.92 39.42
N LEU B 34 -3.57 -3.68 38.95
CA LEU B 34 -2.75 -2.60 39.53
C LEU B 34 -3.32 -2.23 40.91
N ASP B 35 -2.55 -1.54 41.74
CA ASP B 35 -3.05 -1.18 43.08
C ASP B 35 -4.04 -0.02 42.95
N GLU B 36 -3.88 0.72 41.86
CA GLU B 36 -4.69 1.87 41.49
C GLU B 36 -6.21 1.66 41.50
N LYS B 37 -6.96 2.68 41.89
CA LYS B 37 -8.42 2.64 41.85
C LYS B 37 -8.95 3.35 40.62
N PHE B 38 -9.50 2.61 39.67
CA PHE B 38 -10.10 3.22 38.48
C PHE B 38 -11.60 3.08 38.53
N GLU B 39 -12.30 3.99 37.89
CA GLU B 39 -13.73 3.82 37.69
C GLU B 39 -13.94 3.42 36.24
N LEU B 40 -14.23 2.15 35.99
CA LEU B 40 -14.43 1.67 34.62
C LEU B 40 -15.92 1.60 34.32
N GLU B 41 -16.32 2.06 33.14
CA GLU B 41 -17.71 1.89 32.72
C GLU B 41 -17.75 1.44 31.27
N HIS B 42 -18.52 0.39 30.98
CA HIS B 42 -18.63 -0.14 29.62
C HIS B 42 -19.81 0.46 28.89
N ALA B 43 -19.69 0.57 27.57
CA ALA B 43 -20.83 0.95 26.73
C ALA B 43 -20.69 0.30 25.35
N PRO B 44 -21.81 0.09 24.66
CA PRO B 44 -21.81 -0.53 23.34
C PRO B 44 -21.37 0.42 22.24
N VAL B 45 -20.58 -0.11 21.31
CA VAL B 45 -20.11 0.66 20.17
C VAL B 45 -20.00 -0.27 18.96
N GLY B 46 -20.17 0.29 17.77
CA GLY B 46 -20.05 -0.48 16.53
C GLY B 46 -21.26 -1.34 16.26
N GLY B 47 -21.05 -2.57 15.76
CA GLY B 47 -22.18 -3.50 15.59
C GLY B 47 -22.92 -3.74 16.91
N ALA B 48 -22.18 -3.73 18.02
CA ALA B 48 -22.80 -3.87 19.34
C ALA B 48 -23.73 -2.71 19.65
N GLY B 49 -23.36 -1.52 19.16
CA GLY B 49 -24.22 -0.36 19.29
C GLY B 49 -25.46 -0.53 18.43
N TYR B 50 -25.29 -1.03 17.22
CA TYR B 50 -26.45 -1.26 16.34
C TYR B 50 -27.43 -2.27 16.96
N GLU B 51 -26.87 -3.33 17.53
CA GLU B 51 -27.68 -4.37 18.17
CA GLU B 51 -27.69 -4.37 18.15
C GLU B 51 -28.50 -3.82 19.33
N ALA B 52 -27.89 -2.91 20.09
CA ALA B 52 -28.53 -2.34 21.27
C ALA B 52 -29.56 -1.27 20.93
N SER B 53 -29.23 -0.38 20.00
CA SER B 53 -30.10 0.76 19.80
C SER B 53 -30.05 1.34 18.40
N GLY B 54 -29.56 0.54 17.45
CA GLY B 54 -29.67 0.81 16.03
C GLY B 54 -28.70 1.82 15.46
N HIS B 55 -27.69 2.19 16.23
CA HIS B 55 -26.68 3.13 15.76
CA HIS B 55 -26.68 3.13 15.76
C HIS B 55 -25.32 2.71 16.29
N PRO B 56 -24.28 2.80 15.43
CA PRO B 56 -22.95 2.36 15.87
C PRO B 56 -22.34 3.24 16.96
N LEU B 57 -22.79 4.50 17.09
CA LEU B 57 -22.35 5.31 18.21
C LEU B 57 -23.56 5.90 18.91
N PRO B 58 -24.15 5.12 19.82
CA PRO B 58 -25.33 5.59 20.56
C PRO B 58 -25.05 6.89 21.29
N ASP B 59 -26.03 7.76 21.42
CA ASP B 59 -25.82 9.02 22.12
C ASP B 59 -25.19 8.80 23.52
N ALA B 60 -25.66 7.79 24.25
CA ALA B 60 -25.15 7.58 25.60
C ALA B 60 -23.70 7.12 25.61
N THR B 61 -23.30 6.39 24.56
CA THR B 61 -21.90 5.94 24.43
C THR B 61 -21.01 7.15 24.18
N LEU B 62 -21.42 8.03 23.27
CA LEU B 62 -20.65 9.25 23.01
C LEU B 62 -20.58 10.11 24.27
N ALA B 63 -21.68 10.20 25.01
CA ALA B 63 -21.73 11.00 26.24
C ALA B 63 -20.75 10.48 27.27
N LEU B 64 -20.72 9.15 27.42
CA LEU B 64 -19.80 8.51 28.36
C LEU B 64 -18.36 8.80 27.96
N ALA B 65 -18.08 8.72 26.66
CA ALA B 65 -16.71 8.93 26.17
C ALA B 65 -16.30 10.39 26.43
N LYS B 66 -17.22 11.32 26.23
CA LYS B 66 -16.94 12.75 26.49
C LYS B 66 -16.64 12.98 27.96
N GLU B 67 -17.40 12.31 28.82
CA GLU B 67 -17.29 12.49 30.26
C GLU B 67 -16.02 11.87 30.84
N ALA B 68 -15.58 10.75 30.28
CA ALA B 68 -14.46 10.01 30.86
C ALA B 68 -13.15 10.80 30.75
N ASP B 69 -12.19 10.43 31.58
CA ASP B 69 -10.83 10.96 31.51
C ASP B 69 -10.02 10.31 30.40
N ALA B 70 -10.42 9.10 30.00
CA ALA B 70 -9.79 8.41 28.88
C ALA B 70 -10.73 7.30 28.37
N ILE B 71 -10.49 6.85 27.15
CA ILE B 71 -11.29 5.79 26.54
C ILE B 71 -10.38 4.64 26.19
N LEU B 72 -10.81 3.44 26.59
CA LEU B 72 -10.13 2.19 26.20
C LEU B 72 -11.07 1.53 25.22
N PHE B 73 -10.61 1.39 23.98
CA PHE B 73 -11.44 0.96 22.85
C PHE B 73 -10.90 -0.32 22.26
N GLY B 74 -11.76 -1.25 21.89
CA GLY B 74 -11.30 -2.50 21.28
C GLY B 74 -11.20 -2.36 19.78
N ALA B 75 -12.24 -2.75 19.07
CA ALA B 75 -12.28 -2.61 17.61
C ALA B 75 -13.73 -2.69 17.16
N VAL B 76 -14.04 -2.17 15.98
CA VAL B 76 -15.42 -2.27 15.47
C VAL B 76 -15.41 -2.82 14.06
N GLY B 77 -16.47 -3.52 13.69
CA GLY B 77 -16.58 -4.05 12.36
C GLY B 77 -17.01 -5.49 12.39
N ASP B 78 -17.95 -5.84 11.52
CA ASP B 78 -18.27 -7.25 11.31
C ASP B 78 -19.02 -7.31 10.01
N TRP B 79 -18.73 -8.33 9.21
CA TRP B 79 -19.13 -8.34 7.81
C TRP B 79 -20.65 -8.29 7.67
N LYS B 80 -21.39 -8.83 8.63
CA LYS B 80 -22.85 -8.83 8.54
C LYS B 80 -23.48 -7.42 8.62
N TYR B 81 -22.71 -6.41 9.02
CA TYR B 81 -23.21 -5.04 9.07
C TYR B 81 -22.75 -4.17 7.89
N ASP B 82 -21.92 -4.72 7.01
CA ASP B 82 -21.39 -3.92 5.89
C ASP B 82 -22.45 -3.44 4.92
N SER B 83 -23.59 -4.12 4.85
CA SER B 83 -24.62 -3.76 3.91
C SER B 83 -25.53 -2.65 4.42
N LEU B 84 -25.39 -2.28 5.68
CA LEU B 84 -26.19 -1.17 6.23
C LEU B 84 -25.86 0.13 5.50
N GLU B 85 -26.79 1.07 5.51
CA GLU B 85 -26.51 2.42 5.01
C GLU B 85 -25.26 2.95 5.71
N ARG B 86 -24.49 3.77 5.00
CA ARG B 86 -23.19 4.23 5.52
C ARG B 86 -23.22 4.73 6.95
N ALA B 87 -24.19 5.57 7.30
CA ALA B 87 -24.15 6.17 8.63
C ALA B 87 -24.30 5.13 9.75
N LEU B 88 -24.81 3.94 9.44
CA LEU B 88 -25.06 2.96 10.49
C LEU B 88 -23.95 1.89 10.57
N ARG B 89 -22.96 1.97 9.68
CA ARG B 89 -21.93 0.92 9.64
C ARG B 89 -20.97 1.04 10.84
N PRO B 90 -20.46 -0.09 11.33
CA PRO B 90 -19.75 -0.07 12.61
C PRO B 90 -18.58 0.90 12.67
N GLU B 91 -17.84 1.06 11.57
CA GLU B 91 -16.62 1.86 11.60
C GLU B 91 -16.95 3.30 11.82
N GLN B 92 -18.20 3.68 11.56
CA GLN B 92 -18.62 5.07 11.81
C GLN B 92 -18.52 5.42 13.29
N ALA B 93 -18.51 4.41 14.15
CA ALA B 93 -18.31 4.66 15.58
C ALA B 93 -16.91 5.22 15.89
N ILE B 94 -15.86 4.58 15.37
CA ILE B 94 -14.52 5.08 15.69
C ILE B 94 -14.23 6.39 14.95
N LEU B 95 -14.67 6.51 13.69
CA LEU B 95 -14.55 7.80 13.00
C LEU B 95 -15.29 8.90 13.78
N GLY B 96 -16.50 8.58 14.24
CA GLY B 96 -17.25 9.55 15.01
C GLY B 96 -16.66 9.92 16.36
N LEU B 97 -16.09 8.94 17.07
CA LEU B 97 -15.46 9.27 18.36
C LEU B 97 -14.26 10.19 18.08
N ARG B 98 -13.46 9.85 17.08
CA ARG B 98 -12.28 10.66 16.76
C ARG B 98 -12.67 12.09 16.44
N LYS B 99 -13.70 12.24 15.60
CA LYS B 99 -14.10 13.54 15.12
C LYS B 99 -14.80 14.38 16.20
N HIS B 100 -15.80 13.78 16.85
CA HIS B 100 -16.56 14.50 17.87
C HIS B 100 -15.75 14.87 19.10
N LEU B 101 -14.78 14.05 19.47
CA LEU B 101 -13.91 14.37 20.60
C LEU B 101 -12.64 15.13 20.18
N GLU B 102 -12.53 15.46 18.88
CA GLU B 102 -11.39 16.23 18.34
C GLU B 102 -10.05 15.58 18.68
N LEU B 103 -10.01 14.25 18.57
CA LEU B 103 -8.80 13.48 18.80
C LEU B 103 -8.00 13.47 17.49
N PHE B 104 -7.25 14.55 17.24
CA PHE B 104 -6.68 14.77 15.91
C PHE B 104 -5.32 14.13 15.76
N ALA B 105 -4.73 13.73 16.88
CA ALA B 105 -3.34 13.24 16.83
C ALA B 105 -3.24 11.77 17.21
N ASN B 106 -2.86 10.93 16.25
CA ASN B 106 -2.75 9.49 16.44
C ASN B 106 -1.27 9.12 16.57
N PHE B 107 -0.95 8.33 17.60
CA PHE B 107 0.43 7.90 17.85
C PHE B 107 0.49 6.39 17.79
N ARG B 108 1.35 5.86 16.92
CA ARG B 108 1.53 4.41 16.82
C ARG B 108 3.01 4.10 16.97
N PRO B 109 3.41 3.63 18.18
CA PRO B 109 4.83 3.34 18.45
C PRO B 109 5.18 1.92 18.03
N ALA B 110 5.88 1.78 16.91
CA ALA B 110 6.32 0.48 16.43
C ALA B 110 7.67 0.11 17.04
N ILE B 111 7.67 -0.83 17.98
CA ILE B 111 8.88 -1.24 18.66
C ILE B 111 8.98 -2.73 18.47
N CYS B 112 10.12 -3.23 18.02
CA CYS B 112 10.27 -4.68 17.94
C CYS B 112 10.99 -5.19 19.18
N TYR B 113 10.27 -5.93 20.01
CA TYR B 113 10.89 -6.57 21.18
C TYR B 113 11.89 -7.64 20.73
N PRO B 114 12.98 -7.83 21.48
CA PRO B 114 14.03 -8.75 21.01
C PRO B 114 13.51 -10.15 20.70
N GLN B 115 12.57 -10.62 21.53
CA GLN B 115 12.05 -11.99 21.39
C GLN B 115 11.21 -12.15 20.12
N LEU B 116 10.74 -11.04 19.56
CA LEU B 116 9.81 -11.10 18.43
C LEU B 116 10.46 -10.73 17.10
N VAL B 117 11.77 -10.48 17.11
CA VAL B 117 12.49 -10.25 15.87
C VAL B 117 12.24 -11.42 14.91
N ASP B 118 12.28 -12.63 15.44
CA ASP B 118 12.10 -13.83 14.62
CA ASP B 118 12.11 -13.83 14.60
C ASP B 118 10.67 -14.01 14.11
N ALA B 119 9.72 -13.30 14.72
CA ALA B 119 8.34 -13.35 14.31
C ALA B 119 8.08 -12.44 13.10
N SER B 120 8.92 -11.42 12.92
CA SER B 120 8.76 -10.53 11.76
C SER B 120 9.09 -11.23 10.45
N PRO B 121 8.39 -10.88 9.35
CA PRO B 121 8.74 -11.45 8.05
C PRO B 121 10.06 -10.94 7.50
N LEU B 122 10.49 -9.79 8.00
CA LEU B 122 11.77 -9.25 7.51
C LEU B 122 12.94 -10.01 8.11
N LYS B 123 14.05 -9.97 7.39
CA LYS B 123 15.33 -10.47 7.90
C LYS B 123 15.63 -9.81 9.24
N PRO B 124 16.13 -10.59 10.19
CA PRO B 124 16.20 -10.13 11.58
C PRO B 124 17.03 -8.86 11.78
N GLU B 125 18.09 -8.70 11.02
CA GLU B 125 18.95 -7.54 11.20
C GLU B 125 18.24 -6.24 10.80
N LEU B 126 17.15 -6.35 10.03
CA LEU B 126 16.43 -5.12 9.65
C LEU B 126 15.51 -4.61 10.74
N VAL B 127 15.13 -5.47 11.68
CA VAL B 127 14.17 -5.03 12.70
C VAL B 127 14.70 -5.11 14.14
N ALA B 128 15.86 -5.74 14.35
CA ALA B 128 16.44 -5.79 15.70
C ALA B 128 16.67 -4.36 16.21
N GLY B 129 16.12 -4.05 17.38
CA GLY B 129 16.22 -2.73 17.97
C GLY B 129 15.42 -1.64 17.29
N LEU B 130 14.49 -2.03 16.42
CA LEU B 130 13.64 -1.07 15.76
C LEU B 130 12.76 -0.31 16.77
N ASP B 131 12.70 1.01 16.63
CA ASP B 131 11.81 1.87 17.42
C ASP B 131 11.45 3.09 16.56
N ILE B 132 10.25 3.04 15.96
CA ILE B 132 9.72 4.10 15.10
C ILE B 132 8.46 4.66 15.72
N LEU B 133 8.24 5.94 15.63
CA LEU B 133 6.97 6.48 16.04
C LEU B 133 6.24 7.05 14.83
N ILE B 134 5.04 6.54 14.55
CA ILE B 134 4.19 7.10 13.50
C ILE B 134 3.17 8.04 14.10
N VAL B 135 3.19 9.28 13.61
CA VAL B 135 2.21 10.27 14.01
C VAL B 135 1.27 10.46 12.82
N ARG B 136 0.00 10.20 13.03
CA ARG B 136 -0.98 10.23 11.94
C ARG B 136 -2.09 11.23 12.25
N GLU B 137 -2.37 12.11 11.29
CA GLU B 137 -3.46 13.09 11.43
C GLU B 137 -4.79 12.34 11.39
N LEU B 138 -5.71 12.65 12.30
CA LEU B 138 -6.85 11.76 12.48
C LEU B 138 -8.23 12.42 12.27
N ASN B 139 -8.29 13.74 12.07
CA ASN B 139 -9.62 14.40 11.96
C ASN B 139 -9.93 15.02 10.58
N GLY B 140 -9.03 14.87 9.61
CA GLY B 140 -9.23 15.50 8.30
C GLY B 140 -9.02 14.53 7.15
N ASP B 141 -8.55 15.06 6.00
CA ASP B 141 -8.25 14.23 4.83
C ASP B 141 -9.53 13.75 4.15
N ILE B 142 -9.30 12.87 3.19
CA ILE B 142 -10.36 12.21 2.43
C ILE B 142 -11.26 11.31 3.30
N TYR B 143 -10.82 11.00 4.53
CA TYR B 143 -11.70 10.28 5.45
C TYR B 143 -12.97 10.99 5.81
N PHE B 144 -12.89 12.32 5.89
CA PHE B 144 -14.05 13.13 6.28
C PHE B 144 -14.48 14.14 5.22
N GLY B 145 -13.66 14.32 4.19
CA GLY B 145 -13.87 15.45 3.28
C GLY B 145 -15.16 15.41 2.47
N GLN B 146 -15.82 16.56 2.37
CA GLN B 146 -17.08 16.72 1.66
C GLN B 146 -16.81 17.53 0.40
N PRO B 147 -17.58 17.28 -0.69
CA PRO B 147 -18.67 16.28 -0.77
C PRO B 147 -18.16 14.86 -1.00
N ARG B 148 -19.05 13.88 -0.79
CA ARG B 148 -18.70 12.47 -1.00
C ARG B 148 -20.00 11.71 -1.21
N GLY B 149 -19.94 10.54 -1.85
CA GLY B 149 -21.15 9.75 -2.03
C GLY B 149 -21.21 9.14 -3.42
N VAL B 150 -22.43 9.01 -3.96
CA VAL B 150 -22.60 8.46 -5.29
C VAL B 150 -23.50 9.40 -6.04
N ARG B 151 -23.22 9.60 -7.32
CA ARG B 151 -23.93 10.60 -8.12
C ARG B 151 -23.89 10.23 -9.59
N ALA B 152 -24.63 10.97 -10.41
CA ALA B 152 -24.31 10.99 -11.82
C ALA B 152 -23.05 11.85 -12.05
N ALA B 153 -22.07 11.30 -12.76
CA ALA B 153 -20.81 12.04 -13.02
C ALA B 153 -21.15 13.38 -13.65
N PRO B 154 -20.68 14.48 -13.04
CA PRO B 154 -21.08 15.83 -13.51
C PRO B 154 -20.39 16.28 -14.80
N ASP B 155 -19.26 15.66 -15.12
CA ASP B 155 -18.41 16.09 -16.22
C ASP B 155 -17.40 15.00 -16.59
N GLY B 156 -16.56 15.28 -17.59
CA GLY B 156 -15.59 14.32 -18.09
C GLY B 156 -16.19 13.33 -19.08
N PRO B 157 -15.35 12.39 -19.57
CA PRO B 157 -15.75 11.40 -20.58
C PRO B 157 -16.91 10.52 -20.13
N PHE B 158 -17.06 10.37 -18.82
CA PHE B 158 -18.08 9.47 -18.32
C PHE B 158 -19.24 10.24 -17.69
N ALA B 159 -19.39 11.51 -18.06
CA ALA B 159 -20.50 12.33 -17.54
C ALA B 159 -21.83 11.59 -17.69
N GLY B 160 -22.66 11.65 -16.66
CA GLY B 160 -23.96 11.00 -16.73
C GLY B 160 -23.99 9.63 -16.09
N GLU B 161 -22.84 8.95 -16.09
CA GLU B 161 -22.74 7.60 -15.52
C GLU B 161 -22.76 7.63 -14.01
N ARG B 162 -23.17 6.53 -13.39
CA ARG B 162 -23.11 6.45 -11.93
C ARG B 162 -21.64 6.55 -11.53
N GLU B 163 -21.38 7.25 -10.43
CA GLU B 163 -20.00 7.52 -10.05
C GLU B 163 -19.86 7.67 -8.54
N GLY B 164 -18.91 6.94 -7.95
CA GLY B 164 -18.63 7.13 -6.53
C GLY B 164 -17.52 8.17 -6.38
N PHE B 165 -17.57 8.96 -5.31
CA PHE B 165 -16.58 10.03 -5.17
C PHE B 165 -16.37 10.42 -3.70
N ASP B 166 -15.18 10.95 -3.38
CA ASP B 166 -14.81 11.47 -2.06
C ASP B 166 -13.90 12.66 -2.26
N THR B 167 -13.98 13.65 -1.40
CA THR B 167 -13.09 14.80 -1.56
C THR B 167 -11.97 14.74 -0.53
N MET B 168 -10.74 14.72 -1.03
CA MET B 168 -9.59 14.83 -0.14
C MET B 168 -9.37 16.33 0.14
N ARG B 169 -9.26 16.72 1.40
CA ARG B 169 -8.95 18.11 1.70
C ARG B 169 -8.19 18.23 3.01
N TYR B 170 -7.34 19.25 3.07
CA TYR B 170 -6.59 19.60 4.30
C TYR B 170 -6.46 21.11 4.33
N SER B 171 -6.86 21.73 5.46
CA SER B 171 -6.72 23.17 5.62
C SER B 171 -5.48 23.49 6.44
N GLU B 172 -5.05 24.75 6.40
CA GLU B 172 -3.80 25.16 7.07
C GLU B 172 -3.76 24.79 8.58
N PRO B 173 -4.79 25.17 9.36
CA PRO B 173 -4.74 24.80 10.79
C PRO B 173 -4.65 23.30 11.08
N GLU B 174 -5.29 22.49 10.25
CA GLU B 174 -5.25 21.05 10.41
C GLU B 174 -3.84 20.48 10.23
N VAL B 175 -3.10 20.99 9.25
CA VAL B 175 -1.75 20.49 9.03
C VAL B 175 -0.84 21.06 10.13
N ARG B 176 -1.02 22.34 10.46
CA ARG B 176 -0.15 22.93 11.49
C ARG B 176 -0.24 22.22 12.81
N ARG B 177 -1.46 21.88 13.24
CA ARG B 177 -1.53 21.31 14.60
C ARG B 177 -0.89 19.92 14.64
N ILE B 178 -1.03 19.10 13.60
CA ILE B 178 -0.38 17.79 13.62
C ILE B 178 1.13 17.94 13.38
N ALA B 179 1.54 18.94 12.62
CA ALA B 179 2.97 19.17 12.42
C ALA B 179 3.65 19.48 13.76
N HIS B 180 3.03 20.36 14.54
CA HIS B 180 3.59 20.74 15.83
C HIS B 180 3.72 19.53 16.74
N VAL B 181 2.69 18.69 16.78
CA VAL B 181 2.78 17.49 17.59
C VAL B 181 3.95 16.60 17.17
N ALA B 182 4.14 16.42 15.88
CA ALA B 182 5.19 15.55 15.38
C ALA B 182 6.59 16.13 15.63
N PHE B 183 6.73 17.44 15.40
CA PHE B 183 8.01 18.08 15.69
C PHE B 183 8.35 17.99 17.18
N GLN B 184 7.34 18.16 18.02
CA GLN B 184 7.57 18.09 19.47
C GLN B 184 8.03 16.69 19.85
N ALA B 185 7.45 15.68 19.21
CA ALA B 185 7.85 14.30 19.50
C ALA B 185 9.28 14.07 19.06
N ALA B 186 9.66 14.61 17.90
CA ALA B 186 11.01 14.39 17.41
C ALA B 186 12.03 15.09 18.29
N GLN B 187 11.65 16.20 18.93
CA GLN B 187 12.60 16.92 19.80
C GLN B 187 13.00 16.06 20.96
N LYS B 188 12.07 15.21 21.40
CA LYS B 188 12.28 14.32 22.55
C LYS B 188 12.88 12.98 22.15
N ARG B 189 13.03 12.77 20.85
CA ARG B 189 13.63 11.53 20.39
C ARG B 189 14.94 11.79 19.66
N ALA B 190 15.03 11.43 18.39
CA ALA B 190 16.32 11.53 17.69
C ALA B 190 16.46 12.78 16.82
N LYS B 191 15.56 13.75 16.99
CA LYS B 191 15.65 15.04 16.28
C LYS B 191 15.55 14.90 14.76
N LYS B 192 14.82 13.89 14.31
CA LYS B 192 14.59 13.66 12.89
C LYS B 192 13.09 13.47 12.66
N LEU B 193 12.55 14.16 11.66
CA LEU B 193 11.15 13.96 11.33
C LEU B 193 11.02 13.72 9.84
N LEU B 194 10.29 12.68 9.46
CA LEU B 194 10.08 12.39 8.06
C LEU B 194 8.60 12.58 7.76
N SER B 195 8.28 13.49 6.86
CA SER B 195 6.90 13.74 6.45
C SER B 195 6.58 12.99 5.15
N VAL B 196 5.50 12.21 5.18
CA VAL B 196 5.09 11.39 4.04
C VAL B 196 3.85 11.97 3.37
N ASP B 197 3.92 12.16 2.05
CA ASP B 197 2.75 12.68 1.32
C ASP B 197 2.78 12.13 -0.11
N LYS B 198 1.91 12.59 -0.98
CA LYS B 198 1.99 12.24 -2.41
C LYS B 198 2.02 13.51 -3.23
N SER B 199 2.97 14.41 -2.91
CA SER B 199 2.91 15.76 -3.43
C SER B 199 3.29 15.87 -4.91
N ASN B 200 3.86 14.80 -5.50
CA ASN B 200 4.15 14.88 -6.92
C ASN B 200 2.94 14.56 -7.78
N VAL B 201 1.79 14.25 -7.16
CA VAL B 201 0.55 14.03 -7.88
C VAL B 201 -0.62 14.80 -7.28
N LEU B 202 -0.73 14.83 -5.94
CA LEU B 202 -1.93 15.39 -5.28
C LEU B 202 -1.75 16.82 -4.80
N GLU B 203 -2.71 17.69 -5.14
CA GLU B 203 -2.67 19.06 -4.68
C GLU B 203 -2.74 19.13 -3.15
N THR B 204 -3.49 18.23 -2.52
CA THR B 204 -3.62 18.26 -1.07
C THR B 204 -2.26 18.00 -0.44
N SER B 205 -1.53 17.08 -1.04
CA SER B 205 -0.23 16.70 -0.51
C SER B 205 0.82 17.79 -0.70
N GLN B 206 0.75 18.53 -1.81
CA GLN B 206 1.68 19.63 -2.01
C GLN B 206 1.39 20.69 -0.94
N PHE B 207 0.11 20.88 -0.63
CA PHE B 207 -0.28 21.84 0.40
C PHE B 207 0.22 21.41 1.78
N TRP B 208 0.04 20.12 2.09
CA TRP B 208 0.58 19.50 3.29
C TRP B 208 2.06 19.81 3.42
N ARG B 209 2.80 19.51 2.35
CA ARG B 209 4.25 19.67 2.35
C ARG B 209 4.65 21.11 2.59
N ASP B 210 3.97 22.02 1.91
CA ASP B 210 4.25 23.46 2.09
C ASP B 210 4.07 23.90 3.55
N VAL B 211 2.98 23.46 4.18
CA VAL B 211 2.72 23.85 5.57
C VAL B 211 3.75 23.19 6.49
N MET B 212 4.07 21.92 6.20
CA MET B 212 5.04 21.21 7.04
C MET B 212 6.40 21.93 7.03
N ILE B 213 6.82 22.34 5.84
CA ILE B 213 8.09 23.07 5.70
C ILE B 213 7.99 24.40 6.44
N ASP B 214 6.83 25.05 6.38
CA ASP B 214 6.71 26.33 7.08
C ASP B 214 6.83 26.12 8.61
N VAL B 215 6.18 25.09 9.14
CA VAL B 215 6.29 24.82 10.58
C VAL B 215 7.74 24.46 10.95
N SER B 216 8.49 23.84 10.05
CA SER B 216 9.86 23.40 10.34
C SER B 216 10.78 24.56 10.70
N LYS B 217 10.40 25.75 10.26
CA LYS B 217 11.22 26.93 10.58
C LYS B 217 11.35 27.14 12.08
N GLU B 218 10.35 26.68 12.82
CA GLU B 218 10.25 26.90 14.26
C GLU B 218 10.99 25.86 15.09
N TYR B 219 11.57 24.87 14.42
CA TYR B 219 12.21 23.75 15.10
C TYR B 219 13.60 23.56 14.53
N ALA B 220 14.47 24.50 14.85
CA ALA B 220 15.81 24.49 14.29
C ALA B 220 16.58 23.25 14.74
N ASP B 221 16.14 22.61 15.82
CA ASP B 221 16.88 21.45 16.32
C ASP B 221 16.42 20.11 15.73
N VAL B 222 15.42 20.13 14.85
CA VAL B 222 14.91 18.93 14.18
C VAL B 222 15.18 18.99 12.69
N GLU B 223 15.66 17.88 12.11
CA GLU B 223 15.87 17.82 10.65
C GLU B 223 14.63 17.23 10.01
N LEU B 224 13.96 18.01 9.17
CA LEU B 224 12.78 17.53 8.44
C LEU B 224 13.16 17.04 7.05
N SER B 225 12.72 15.84 6.71
CA SER B 225 12.86 15.27 5.37
CA SER B 225 12.83 15.42 5.31
C SER B 225 11.48 14.91 4.84
N HIS B 226 11.40 14.61 3.55
CA HIS B 226 10.11 14.27 2.92
C HIS B 226 10.20 13.00 2.13
N MET B 227 9.09 12.27 2.00
CA MET B 227 9.10 11.04 1.23
C MET B 227 7.72 10.85 0.64
N TYR B 228 7.67 10.37 -0.60
CA TYR B 228 6.36 10.04 -1.21
C TYR B 228 5.82 8.75 -0.59
N VAL B 229 4.50 8.64 -0.41
CA VAL B 229 3.92 7.46 0.26
C VAL B 229 4.32 6.15 -0.44
N ASP B 230 4.42 6.15 -1.77
CA ASP B 230 4.79 4.93 -2.46
C ASP B 230 6.24 4.53 -2.11
N ASN B 231 7.12 5.51 -2.06
CA ASN B 231 8.48 5.21 -1.59
C ASN B 231 8.52 4.80 -0.11
N ALA B 232 7.66 5.41 0.71
CA ALA B 232 7.65 5.04 2.13
C ALA B 232 7.23 3.59 2.32
N ALA B 233 6.29 3.11 1.51
CA ALA B 233 5.91 1.70 1.61
C ALA B 233 7.08 0.79 1.25
N MET B 234 7.91 1.21 0.29
CA MET B 234 9.11 0.46 -0.06
C MET B 234 10.12 0.50 1.07
N GLN B 235 10.34 1.68 1.64
CA GLN B 235 11.43 1.86 2.59
C GLN B 235 11.11 1.24 3.96
N LEU B 236 9.83 1.14 4.31
CA LEU B 236 9.48 0.47 5.58
C LEU B 236 9.82 -1.01 5.49
N ALA B 237 9.82 -1.56 4.28
CA ALA B 237 10.22 -2.95 4.08
C ALA B 237 11.74 -3.12 3.96
N LYS B 238 12.40 -2.13 3.35
CA LYS B 238 13.78 -2.28 2.96
C LYS B 238 14.72 -1.95 4.10
N ALA B 239 14.42 -0.86 4.81
CA ALA B 239 15.32 -0.37 5.84
C ALA B 239 14.56 0.53 6.81
N PRO B 240 13.64 -0.06 7.56
CA PRO B 240 12.81 0.77 8.42
C PRO B 240 13.59 1.46 9.53
N LYS B 241 14.81 0.99 9.86
CA LYS B 241 15.55 1.67 10.93
C LYS B 241 16.08 3.05 10.51
N GLN B 242 15.92 3.44 9.24
CA GLN B 242 16.22 4.82 8.82
C GLN B 242 15.28 5.84 9.46
N PHE B 243 14.12 5.40 9.94
CA PHE B 243 13.08 6.29 10.45
C PHE B 243 13.17 6.42 11.96
N ASP B 244 12.83 7.60 12.46
CA ASP B 244 12.61 7.72 13.88
C ASP B 244 11.19 8.23 14.15
N VAL B 245 10.85 9.43 13.67
CA VAL B 245 9.43 9.85 13.73
C VAL B 245 8.95 10.05 12.31
N ILE B 246 7.78 9.48 12.01
CA ILE B 246 7.13 9.69 10.73
C ILE B 246 5.84 10.47 10.96
N VAL B 247 5.57 11.51 10.18
CA VAL B 247 4.27 12.20 10.27
C VAL B 247 3.57 12.14 8.92
N THR B 248 2.26 11.85 8.94
CA THR B 248 1.56 11.74 7.66
C THR B 248 0.07 11.92 7.85
N GLY B 249 -0.64 12.02 6.74
CA GLY B 249 -2.08 12.25 6.76
C GLY B 249 -2.89 11.03 7.20
N ASN B 250 -4.20 11.24 7.28
CA ASN B 250 -5.14 10.26 7.82
C ASN B 250 -5.09 8.96 7.01
N MET B 251 -5.27 9.09 5.70
CA MET B 251 -5.27 7.89 4.85
CA MET B 251 -5.26 7.93 4.81
C MET B 251 -3.89 7.25 4.70
N PHE B 252 -2.84 8.03 4.45
CA PHE B 252 -1.54 7.40 4.28
C PHE B 252 -1.06 6.75 5.58
N GLY B 253 -1.42 7.35 6.72
CA GLY B 253 -1.04 6.80 8.00
C GLY B 253 -1.70 5.46 8.23
N ASP B 254 -2.96 5.36 7.82
CA ASP B 254 -3.67 4.09 7.94
C ASP B 254 -2.93 3.00 7.15
N ILE B 255 -2.59 3.30 5.90
CA ILE B 255 -1.91 2.32 5.05
C ILE B 255 -0.52 1.92 5.59
N LEU B 256 0.29 2.92 5.92
CA LEU B 256 1.65 2.59 6.33
C LEU B 256 1.69 1.90 7.69
N SER B 257 0.75 2.24 8.57
CA SER B 257 0.68 1.67 9.92
C SER B 257 0.53 0.14 9.90
N ASP B 258 -0.33 -0.42 9.07
CA ASP B 258 -0.53 -1.86 9.08
C ASP B 258 0.74 -2.54 8.56
N GLU B 259 1.35 -1.95 7.54
CA GLU B 259 2.60 -2.50 7.01
C GLU B 259 3.64 -2.46 8.13
N ALA B 260 3.70 -1.33 8.83
CA ALA B 260 4.69 -1.15 9.86
C ALA B 260 4.49 -2.15 11.02
N SER B 261 3.25 -2.59 11.24
CA SER B 261 3.02 -3.47 12.37
C SER B 261 3.81 -4.78 12.20
N MET B 262 4.08 -5.21 10.97
CA MET B 262 4.86 -6.43 10.73
CA MET B 262 4.80 -6.48 10.88
C MET B 262 6.29 -6.32 11.21
N LEU B 263 6.75 -5.08 11.38
CA LEU B 263 8.08 -4.78 11.89
C LEU B 263 8.22 -5.10 13.36
N THR B 264 7.09 -5.24 14.05
CA THR B 264 7.07 -5.57 15.47
C THR B 264 6.83 -7.09 15.67
N GLY B 265 6.70 -7.83 14.58
CA GLY B 265 6.38 -9.25 14.65
C GLY B 265 4.95 -9.59 14.27
N SER B 266 4.01 -8.66 14.47
CA SER B 266 2.60 -8.94 14.19
C SER B 266 1.73 -7.69 14.34
N ILE B 267 0.65 -7.62 13.56
CA ILE B 267 -0.34 -6.58 13.81
C ILE B 267 -0.91 -6.64 15.25
N GLY B 268 -0.81 -7.80 15.89
CA GLY B 268 -1.30 -7.93 17.26
C GLY B 268 -0.44 -7.27 18.33
N MET B 269 0.65 -6.60 17.92
CA MET B 269 1.59 -6.03 18.86
C MET B 269 1.48 -4.48 18.91
N LEU B 270 0.91 -3.86 17.88
CA LEU B 270 1.05 -2.40 17.74
C LEU B 270 -0.07 -1.62 18.47
N PRO B 271 0.26 -0.90 19.56
CA PRO B 271 -0.75 -0.12 20.28
C PRO B 271 -0.98 1.24 19.64
N SER B 272 -1.98 1.98 20.11
CA SER B 272 -2.15 3.36 19.62
C SER B 272 -2.80 4.29 20.61
N ALA B 273 -2.49 5.57 20.48
CA ALA B 273 -3.07 6.62 21.30
C ALA B 273 -3.67 7.64 20.33
N SER B 274 -4.86 8.14 20.63
CA SER B 274 -5.46 9.22 19.84
C SER B 274 -5.79 10.36 20.79
N LEU B 275 -5.11 11.49 20.65
CA LEU B 275 -5.20 12.56 21.65
C LEU B 275 -5.83 13.85 21.10
N ASP B 276 -6.56 14.57 21.95
CA ASP B 276 -6.96 15.92 21.65
C ASP B 276 -5.87 16.90 22.12
N LYS B 277 -6.17 18.19 22.05
CA LYS B 277 -5.13 19.19 22.35
C LYS B 277 -4.75 19.23 23.82
N ASN B 278 -5.50 18.51 24.66
CA ASN B 278 -5.27 18.50 26.11
C ASN B 278 -4.85 17.13 26.59
N ASN B 279 -4.46 16.27 25.66
CA ASN B 279 -4.04 14.90 25.98
C ASN B 279 -5.11 14.03 26.67
N LYS B 280 -6.39 14.39 26.53
CA LYS B 280 -7.47 13.41 26.66
C LYS B 280 -7.39 12.48 25.47
N GLY B 281 -7.43 11.17 25.71
CA GLY B 281 -7.21 10.23 24.63
C GLY B 281 -8.11 9.01 24.59
N LEU B 282 -8.16 8.44 23.39
CA LEU B 282 -8.76 7.14 23.16
C LEU B 282 -7.61 6.23 22.79
N TYR B 283 -7.57 5.08 23.44
CA TYR B 283 -6.46 4.15 23.33
C TYR B 283 -7.00 2.83 22.80
N GLU B 284 -6.45 2.35 21.69
CA GLU B 284 -6.98 1.15 20.99
C GLU B 284 -5.82 0.44 20.31
N PRO B 285 -5.91 -0.89 20.15
CA PRO B 285 -4.90 -1.54 19.31
C PRO B 285 -4.97 -1.02 17.88
N SER B 286 -3.89 -1.06 17.10
CA SER B 286 -3.97 -0.45 15.79
C SER B 286 -4.81 -1.27 14.80
N HIS B 287 -5.06 -2.52 15.14
CA HIS B 287 -5.72 -3.44 14.24
C HIS B 287 -7.26 -3.36 14.32
N GLY B 288 -7.91 -4.13 13.47
CA GLY B 288 -9.37 -4.17 13.48
C GLY B 288 -9.97 -5.29 14.31
N SER B 289 -11.18 -5.69 13.95
CA SER B 289 -11.95 -6.61 14.78
C SER B 289 -11.70 -8.09 14.44
N ALA B 290 -10.88 -8.35 13.42
CA ALA B 290 -10.48 -9.72 13.06
C ALA B 290 -11.59 -10.76 13.11
N PRO B 291 -12.65 -10.56 12.31
CA PRO B 291 -13.78 -11.49 12.36
C PRO B 291 -13.38 -12.94 12.06
N ASP B 292 -12.26 -13.15 11.37
CA ASP B 292 -11.86 -14.52 11.04
C ASP B 292 -11.47 -15.35 12.27
N ILE B 293 -11.09 -14.68 13.36
CA ILE B 293 -10.70 -15.40 14.59
C ILE B 293 -11.54 -14.96 15.82
N ALA B 294 -12.55 -14.12 15.59
CA ALA B 294 -13.39 -13.61 16.68
C ALA B 294 -14.06 -14.73 17.45
N GLY B 295 -13.94 -14.63 18.78
CA GLY B 295 -14.53 -15.58 19.70
C GLY B 295 -13.76 -16.88 19.87
N LYS B 296 -12.68 -17.02 19.13
CA LYS B 296 -11.95 -18.29 19.15
C LYS B 296 -10.95 -18.32 20.30
N GLY B 297 -10.82 -17.21 21.03
CA GLY B 297 -9.96 -17.16 22.21
C GLY B 297 -8.47 -17.24 21.89
N ILE B 298 -8.08 -16.85 20.66
CA ILE B 298 -6.66 -16.95 20.28
C ILE B 298 -6.00 -15.63 19.88
N ALA B 299 -6.80 -14.58 19.67
CA ALA B 299 -6.26 -13.28 19.29
C ALA B 299 -5.20 -12.76 20.27
N ASN B 300 -4.24 -12.03 19.75
CA ASN B 300 -3.21 -11.40 20.57
C ASN B 300 -3.80 -10.22 21.32
N PRO B 301 -3.74 -10.23 22.66
CA PRO B 301 -4.21 -9.08 23.43
C PRO B 301 -3.13 -8.06 23.69
N LEU B 302 -1.91 -8.32 23.25
CA LEU B 302 -0.82 -7.44 23.72
C LEU B 302 -0.92 -6.03 23.16
N ALA B 303 -1.34 -5.84 21.90
CA ALA B 303 -1.51 -4.44 21.43
C ALA B 303 -2.50 -3.67 22.32
N THR B 304 -3.56 -4.34 22.76
CA THR B 304 -4.58 -3.68 23.57
C THR B 304 -4.06 -3.40 24.99
N ILE B 305 -3.37 -4.38 25.56
CA ILE B 305 -2.73 -4.19 26.86
C ILE B 305 -1.70 -3.03 26.82
N LEU B 306 -0.88 -2.99 25.77
CA LEU B 306 0.08 -1.91 25.62
C LEU B 306 -0.62 -0.58 25.37
N SER B 307 -1.81 -0.61 24.75
CA SER B 307 -2.61 0.62 24.62
C SER B 307 -3.09 1.09 25.99
N ALA B 308 -3.43 0.17 26.89
CA ALA B 308 -3.82 0.57 28.23
C ALA B 308 -2.64 1.20 28.96
N ALA B 309 -1.42 0.71 28.71
CA ALA B 309 -0.25 1.39 29.28
C ALA B 309 -0.15 2.81 28.76
N MET B 310 -0.33 3.01 27.45
CA MET B 310 -0.28 4.36 26.90
C MET B 310 -1.34 5.24 27.56
N LEU B 311 -2.52 4.65 27.78
CA LEU B 311 -3.61 5.36 28.46
C LEU B 311 -3.15 5.94 29.80
N LEU B 312 -2.50 5.11 30.60
CA LEU B 312 -1.99 5.54 31.92
C LEU B 312 -0.95 6.60 31.77
N ARG B 313 -0.09 6.44 30.78
CA ARG B 313 1.04 7.35 30.63
C ARG B 313 0.58 8.73 30.14
N TYR B 314 -0.30 8.75 29.15
CA TYR B 314 -0.56 10.00 28.44
C TYR B 314 -1.83 10.73 28.85
N SER B 315 -2.82 10.03 29.38
CA SER B 315 -4.03 10.72 29.86
C SER B 315 -4.21 10.75 31.39
N LEU B 316 -3.71 9.75 32.11
CA LEU B 316 -4.03 9.64 33.53
C LEU B 316 -2.86 9.97 34.47
N ASN B 317 -1.77 10.49 33.90
CA ASN B 317 -0.61 10.90 34.70
C ASN B 317 -0.13 9.76 35.62
N ARG B 318 -0.08 8.55 35.06
CA ARG B 318 0.35 7.37 35.81
C ARG B 318 1.48 6.66 35.05
N ALA B 319 2.56 7.39 34.76
CA ALA B 319 3.67 6.86 33.96
C ALA B 319 4.33 5.64 34.61
N GLU B 320 4.42 5.63 35.93
CA GLU B 320 5.04 4.52 36.64
C GLU B 320 4.24 3.23 36.46
N GLN B 321 2.92 3.33 36.50
CA GLN B 321 2.08 2.15 36.25
C GLN B 321 2.18 1.70 34.79
N ALA B 322 2.24 2.65 33.86
CA ALA B 322 2.48 2.30 32.48
C ALA B 322 3.77 1.51 32.33
N ASP B 323 4.85 1.98 32.98
CA ASP B 323 6.11 1.24 32.98
C ASP B 323 5.94 -0.18 33.51
N ARG B 324 5.15 -0.33 34.58
CA ARG B 324 4.91 -1.64 35.18
C ARG B 324 4.28 -2.59 34.16
N ILE B 325 3.30 -2.10 33.41
CA ILE B 325 2.62 -2.95 32.43
C ILE B 325 3.61 -3.33 31.34
N GLU B 326 4.41 -2.36 30.90
CA GLU B 326 5.34 -2.61 29.81
C GLU B 326 6.41 -3.62 30.24
N ARG B 327 6.88 -3.52 31.48
CA ARG B 327 7.84 -4.48 31.99
C ARG B 327 7.21 -5.86 32.07
N ALA B 328 5.92 -5.92 32.42
CA ALA B 328 5.22 -7.20 32.51
C ALA B 328 5.11 -7.85 31.13
N VAL B 329 4.82 -7.05 30.10
CA VAL B 329 4.74 -7.57 28.74
C VAL B 329 6.11 -8.05 28.32
N LYS B 330 7.16 -7.29 28.64
CA LYS B 330 8.49 -7.73 28.24
C LYS B 330 8.87 -9.03 28.95
N THR B 331 8.48 -9.16 30.21
CA THR B 331 8.73 -10.36 30.98
C THR B 331 8.05 -11.60 30.39
N VAL B 332 6.79 -11.48 30.02
CA VAL B 332 6.08 -12.67 29.50
C VAL B 332 6.70 -13.08 28.17
N LEU B 333 7.16 -12.13 27.37
CA LEU B 333 7.88 -12.50 26.14
C LEU B 333 9.21 -13.17 26.48
N GLU B 334 9.94 -12.66 27.48
CA GLU B 334 11.17 -13.34 27.94
C GLU B 334 10.88 -14.75 28.39
N GLN B 335 9.72 -14.95 29.03
CA GLN B 335 9.34 -16.24 29.59
C GLN B 335 8.91 -17.24 28.52
N GLY B 336 8.72 -16.75 27.29
CA GLY B 336 8.45 -17.62 26.16
C GLY B 336 6.99 -17.66 25.71
N TYR B 337 6.12 -16.94 26.40
CA TYR B 337 4.71 -16.91 26.01
C TYR B 337 4.49 -16.25 24.66
N ARG B 338 3.64 -16.85 23.83
CA ARG B 338 3.28 -16.29 22.54
C ARG B 338 1.84 -16.66 22.21
N THR B 339 1.11 -15.73 21.64
CA THR B 339 -0.14 -16.11 20.97
C THR B 339 0.24 -16.59 19.55
N GLY B 340 -0.70 -17.20 18.84
CA GLY B 340 -0.35 -17.87 17.59
C GLY B 340 0.28 -16.99 16.53
N ASP B 341 -0.11 -15.73 16.53
CA ASP B 341 0.34 -14.78 15.50
C ASP B 341 1.79 -14.33 15.72
N ILE B 342 2.34 -14.62 16.90
CA ILE B 342 3.75 -14.31 17.17
C ILE B 342 4.53 -15.55 17.60
N ALA B 343 4.06 -16.73 17.22
CA ALA B 343 4.76 -17.96 17.61
C ALA B 343 6.20 -17.95 17.10
N THR B 344 7.10 -18.45 17.95
CA THR B 344 8.51 -18.58 17.59
C THR B 344 8.92 -19.98 18.06
N PRO B 345 9.97 -20.56 17.44
CA PRO B 345 10.38 -21.94 17.79
C PRO B 345 10.62 -22.15 19.29
N GLY B 346 10.00 -23.19 19.86
CA GLY B 346 10.18 -23.50 21.27
C GLY B 346 9.33 -22.70 22.24
N CYS B 347 8.42 -21.89 21.72
CA CYS B 347 7.64 -21.01 22.57
C CYS B 347 6.53 -21.75 23.32
N ARG B 348 5.98 -21.07 24.32
CA ARG B 348 4.79 -21.56 25.01
CA ARG B 348 4.79 -21.56 25.01
C ARG B 348 3.60 -20.88 24.36
N GLN B 349 2.92 -21.59 23.46
CA GLN B 349 1.81 -20.96 22.74
C GLN B 349 0.56 -21.00 23.59
N VAL B 350 -0.10 -19.86 23.74
CA VAL B 350 -1.28 -19.72 24.60
C VAL B 350 -2.36 -18.92 23.87
N GLY B 351 -3.60 -19.05 24.32
CA GLY B 351 -4.67 -18.20 23.88
C GLY B 351 -4.69 -16.85 24.58
N THR B 352 -5.69 -16.06 24.22
CA THR B 352 -5.84 -14.68 24.67
C THR B 352 -5.86 -14.54 26.19
N ALA B 353 -6.67 -15.39 26.83
CA ALA B 353 -6.90 -15.27 28.26
C ALA B 353 -5.67 -15.74 29.02
N ALA B 354 -5.04 -16.83 28.57
CA ALA B 354 -3.81 -17.28 29.25
C ALA B 354 -2.67 -16.25 29.08
N MET B 355 -2.61 -15.60 27.92
CA MET B 355 -1.61 -14.53 27.72
C MET B 355 -1.87 -13.39 28.73
N GLY B 356 -3.14 -12.98 28.86
CA GLY B 356 -3.48 -11.94 29.83
C GLY B 356 -3.09 -12.38 31.24
N ASP B 357 -3.42 -13.61 31.59
CA ASP B 357 -3.05 -14.14 32.92
C ASP B 357 -1.54 -14.03 33.12
N ALA B 358 -0.78 -14.37 32.10
CA ALA B 358 0.68 -14.30 32.22
C ALA B 358 1.15 -12.86 32.46
N VAL B 359 0.51 -11.89 31.81
CA VAL B 359 0.92 -10.49 32.01
C VAL B 359 0.60 -10.09 33.46
N VAL B 360 -0.60 -10.44 33.92
CA VAL B 360 -0.98 -10.20 35.32
C VAL B 360 0.04 -10.80 36.30
N ALA B 361 0.43 -12.06 36.09
CA ALA B 361 1.36 -12.75 36.96
C ALA B 361 2.73 -12.02 37.01
N ALA B 362 3.05 -11.30 35.93
CA ALA B 362 4.38 -10.68 35.84
C ALA B 362 4.41 -9.24 36.32
N LEU B 363 3.26 -8.71 36.75
CA LEU B 363 3.22 -7.33 37.23
C LEU B 363 4.04 -7.18 38.50
PA NAD C . -8.02 -6.66 10.92
O1A NAD C . -6.88 -5.82 11.38
O2A NAD C . -9.19 -7.00 11.79
O5B NAD C . -7.36 -8.16 10.60
C5B NAD C . -6.30 -8.15 9.67
C4B NAD C . -5.55 -9.51 9.83
O4B NAD C . -4.78 -9.49 11.05
C3B NAD C . -6.60 -10.66 9.93
O3B NAD C . -5.97 -11.77 9.33
C2B NAD C . -6.74 -10.86 11.47
O2B NAD C . -7.08 -12.16 11.81
C1B NAD C . -5.31 -10.52 11.95
N9A NAD C . -5.36 -9.90 13.28
C8A NAD C . -5.82 -8.60 13.65
N7A NAD C . -5.73 -8.38 14.95
C5A NAD C . -5.16 -9.56 15.47
C6A NAD C . -4.83 -9.94 16.79
N6A NAD C . -5.00 -9.07 17.85
N1A NAD C . -4.31 -11.19 17.01
C2A NAD C . -4.14 -11.97 15.92
N3A NAD C . -4.44 -11.75 14.63
C4A NAD C . -4.94 -10.51 14.44
O3 NAD C . -8.36 -5.96 9.48
PN NAD C . -9.48 -6.46 8.42
O1N NAD C . -9.75 -7.93 8.30
O2N NAD C . -9.13 -5.60 7.26
O5D NAD C . -10.91 -5.72 8.92
C5D NAD C . -11.62 -6.48 9.83
C4D NAD C . -12.72 -5.57 10.44
O4D NAD C . -12.11 -4.57 11.33
C3D NAD C . -13.45 -4.79 9.33
O3D NAD C . -14.83 -4.74 9.72
C2D NAD C . -12.80 -3.37 9.40
O2D NAD C . -13.65 -2.31 9.00
C1D NAD C . -12.64 -3.26 10.93
N1N NAD C . -11.48 -2.41 11.35
C2N NAD C . -11.64 -1.68 12.47
C3N NAD C . -10.61 -0.90 12.94
C7N NAD C . -10.88 -0.15 14.22
O7N NAD C . -11.74 -0.55 14.99
N7N NAD C . -10.10 0.97 14.52
C4N NAD C . -9.41 -0.85 12.25
C5N NAD C . -9.28 -1.58 11.08
C6N NAD C . -10.32 -2.40 10.62
C1 GOL D . -7.83 2.24 12.07
C1 GOL D . -7.85 2.77 11.67
O1 GOL D . -6.62 1.66 11.58
O1 GOL D . -7.84 2.32 13.01
C2 GOL D . -8.94 2.20 11.02
C2 GOL D . -9.24 3.18 11.19
O2 GOL D . -10.18 2.28 11.70
O2 GOL D . -9.91 2.12 10.53
C3 GOL D . -8.85 3.41 10.11
C3 GOL D . -9.09 4.19 10.07
O3 GOL D . -8.46 4.48 10.95
O3 GOL D . -9.19 3.44 8.87
C1 GOL E . 2.26 9.02 22.38
O1 GOL E . 1.36 9.98 22.92
C2 GOL E . 3.69 9.50 22.59
O2 GOL E . 4.63 8.74 21.85
C3 GOL E . 3.84 11.01 22.38
O3 GOL E . 5.18 11.39 22.68
#